data_1ZR4
#
_entry.id   1ZR4
#
_cell.length_a   119.158
_cell.length_b   127.290
_cell.length_c   140.419
_cell.angle_alpha   90.00
_cell.angle_beta   90.00
_cell.angle_gamma   90.00
#
_symmetry.space_group_name_H-M   'P 21 21 21'
#
loop_
_entity.id
_entity.type
_entity.pdbx_description
1 polymer TCAGTGTCCGATAATTTAT
2 polymer AAA
3 polymer TTATCGGACACTG
4 polymer 'Transposon gamma-delta resolvase'
#
loop_
_entity_poly.entity_id
_entity_poly.type
_entity_poly.pdbx_seq_one_letter_code
_entity_poly.pdbx_strand_id
1 'polydeoxyribonucleotide' (DT)(DC)(DA)(DG)(DT)(DG)(DT)(DC)(DC)(DG)(DA)(DT)(DA)(DA)(DT)(DT)(DT)(DA)(DT) X,J,U,M
2 'polydeoxyribonucleotide' (DA)(DA)(DA) Z,I,W,O
3 'polydeoxyribonucleotide' (DT)(DT)(DA)(DT)(DC)(DG)(DG)(DA)(DC)(DA)(DC)(DT)(DG) Y,K,V,N
4 'polypeptide(L)'
;MALFGYARVSTSQQSLDIQVRALKDAGVKANRIFTDKASGSSSDRKGLDLLRMKVKEGDVILVKKLDRLGRDTADMIQLI
KEFDAQGVSIRFIDDGISTDSYIGKMVVTILSAVAQAERQRILQRTNEGRQEAMAKGVVFGRKRKIDRDAVLNMWQQGLG
ASHISKTMNIARSTVYKVINESN
;
A,B,E,D
#
# COMPACT_ATOMS: atom_id res chain seq x y z
N MET M 1 23.08 16.44 3.71
CA MET M 1 24.20 16.24 4.67
C MET M 1 24.22 17.35 5.70
N ALA M 2 23.62 18.49 5.36
CA ALA M 2 23.46 19.58 6.32
C ALA M 2 22.21 19.25 7.11
N LEU M 3 22.44 18.59 8.25
CA LEU M 3 21.38 17.91 9.01
C LEU M 3 20.53 18.82 9.87
N PHE M 4 19.26 18.48 9.94
CA PHE M 4 18.27 19.24 10.73
C PHE M 4 17.36 18.31 11.49
N GLY M 5 16.78 18.83 12.56
CA GLY M 5 15.88 18.03 13.38
C GLY M 5 14.54 18.71 13.49
N TYR M 6 13.53 17.93 13.91
CA TYR M 6 12.20 18.45 14.17
C TYR M 6 11.41 17.55 15.13
N ALA M 7 10.85 18.16 16.16
CA ALA M 7 10.09 17.44 17.17
C ALA M 7 8.85 18.22 17.52
N ARG M 8 7.81 17.51 17.96
CA ARG M 8 6.50 18.13 18.13
C ARG M 8 5.69 17.40 19.17
N VAL M 9 4.79 18.10 19.84
CA VAL M 9 4.03 17.51 20.92
C VAL M 9 2.60 18.08 20.99
N SER M 10 1.64 17.23 21.35
CA SER M 10 0.23 17.65 21.39
C SER M 10 -0.53 17.35 22.69
N THR M 11 0.05 16.55 23.59
CA THR M 11 -0.62 16.22 24.86
C THR M 11 0.32 16.29 26.07
N SER M 12 -0.25 16.08 27.25
CA SER M 12 0.43 16.14 28.55
C SER M 12 1.80 15.48 28.55
N GLN M 13 1.91 14.42 27.75
CA GLN M 13 3.14 13.68 27.54
C GLN M 13 4.15 14.51 26.72
N GLN M 14 4.58 15.64 27.31
CA GLN M 14 5.52 16.58 26.68
C GLN M 14 6.96 16.06 26.76
N SER M 15 7.12 14.79 26.40
CA SER M 15 8.42 14.15 26.33
C SER M 15 9.16 14.66 25.10
N LEU M 16 9.01 15.96 24.83
CA LEU M 16 9.75 16.63 23.80
C LEU M 16 11.21 16.28 23.95
N ASP M 17 11.64 16.09 25.19
CA ASP M 17 12.98 15.65 25.51
C ASP M 17 13.31 14.29 24.87
N ILE M 18 12.42 13.30 25.02
CA ILE M 18 12.63 11.96 24.46
C ILE M 18 12.79 12.02 22.94
N GLN M 19 12.08 12.95 22.32
CA GLN M 19 12.23 13.23 20.89
C GLN M 19 13.58 13.86 20.59
N VAL M 20 13.94 14.91 21.32
CA VAL M 20 15.19 15.61 21.03
C VAL M 20 16.43 14.73 21.28
N ARG M 21 16.38 13.84 22.28
CA ARG M 21 17.49 12.91 22.48
C ARG M 21 17.60 11.98 21.29
N ALA M 22 16.46 11.44 20.84
CA ALA M 22 16.42 10.63 19.63
C ALA M 22 17.08 11.34 18.45
N LEU M 23 16.80 12.64 18.32
CA LEU M 23 17.41 13.49 17.29
C LEU M 23 18.90 13.65 17.46
N LYS M 24 19.35 13.85 18.69
CA LYS M 24 20.76 14.08 18.91
C LYS M 24 21.56 12.79 18.77
N ASP M 25 20.95 11.67 19.17
CA ASP M 25 21.55 10.35 19.00
C ASP M 25 21.80 10.08 17.52
N ALA M 26 21.06 10.78 16.67
CA ALA M 26 21.19 10.57 15.25
C ALA M 26 22.11 11.60 14.60
N GLY M 27 22.79 12.41 15.40
CA GLY M 27 23.79 13.33 14.86
C GLY M 27 23.34 14.74 14.51
N VAL M 28 22.10 15.09 14.82
CA VAL M 28 21.64 16.48 14.65
C VAL M 28 22.05 17.26 15.89
N LYS M 29 22.59 18.47 15.70
CA LYS M 29 23.03 19.31 16.84
C LYS M 29 22.00 20.40 17.20
N ALA M 30 22.07 20.87 18.46
CA ALA M 30 21.02 21.74 19.03
C ALA M 30 20.82 23.00 18.24
N ASN M 31 21.94 23.49 17.74
CA ASN M 31 22.10 24.47 16.68
C ASN M 31 20.99 24.55 15.61
N ARG M 32 20.46 23.40 15.20
CA ARG M 32 19.51 23.33 14.08
C ARG M 32 18.34 22.39 14.36
N ILE M 33 17.97 22.19 15.62
CA ILE M 33 16.76 21.46 15.95
C ILE M 33 15.59 22.43 16.12
N PHE M 34 14.43 22.11 15.55
CA PHE M 34 13.25 23.01 15.64
C PHE M 34 12.01 22.39 16.27
N THR M 35 11.49 23.09 17.27
CA THR M 35 10.50 22.58 18.19
C THR M 35 9.15 23.25 18.03
N ASP M 36 8.10 22.52 18.39
CA ASP M 36 6.72 23.02 18.33
C ASP M 36 5.83 22.38 19.37
N LYS M 37 5.32 23.20 20.28
CA LYS M 37 4.30 22.78 21.23
C LYS M 37 2.96 23.31 20.71
N ALA M 38 2.28 22.48 19.93
CA ALA M 38 0.99 22.85 19.30
C ALA M 38 -0.07 23.21 20.35
N SER M 39 -0.09 24.49 20.70
CA SER M 39 -0.91 25.07 21.75
C SER M 39 -2.43 24.91 21.52
N GLY M 40 -2.78 24.02 20.57
CA GLY M 40 -4.16 23.68 20.26
C GLY M 40 -4.86 24.68 19.35
N SER M 41 -4.08 25.58 18.73
CA SER M 41 -4.61 26.66 17.91
C SER M 41 -4.69 26.28 16.42
N SER M 42 -5.69 26.86 15.73
CA SER M 42 -5.98 26.59 14.31
C SER M 42 -4.77 26.02 13.57
N SER M 43 -3.70 26.82 13.50
CA SER M 43 -2.40 26.36 13.00
C SER M 43 -1.29 27.33 13.38
N ASP M 44 -0.91 27.33 14.66
CA ASP M 44 0.19 28.17 15.14
C ASP M 44 1.45 27.34 15.26
N ARG M 45 1.99 26.93 14.11
CA ARG M 45 3.23 26.17 14.03
C ARG M 45 4.42 27.04 13.63
N LYS M 46 5.06 27.65 14.62
CA LYS M 46 6.14 28.61 14.41
C LYS M 46 7.42 27.90 14.05
N GLY M 47 7.75 26.87 14.83
CA GLY M 47 8.96 26.07 14.64
C GLY M 47 9.16 25.69 13.20
N LEU M 48 8.22 24.90 12.67
CA LEU M 48 8.26 24.48 11.27
C LEU M 48 8.37 25.65 10.31
N ASP M 49 7.52 26.66 10.50
CA ASP M 49 7.50 27.82 9.62
C ASP M 49 8.87 28.46 9.51
N LEU M 50 9.71 28.23 10.52
CA LEU M 50 11.05 28.77 10.56
C LEU M 50 12.06 27.78 10.00
N LEU M 51 11.66 26.51 9.95
CA LEU M 51 12.55 25.49 9.44
C LEU M 51 12.67 25.59 7.94
N ARG M 52 11.56 25.82 7.25
CA ARG M 52 11.60 25.87 5.78
C ARG M 52 12.25 27.15 5.24
N MET M 53 12.63 28.02 6.16
CA MET M 53 13.29 29.29 5.81
C MET M 53 14.81 29.14 5.79
N LYS M 54 15.34 28.14 6.47
CA LYS M 54 16.78 27.98 6.56
C LYS M 54 17.36 26.83 5.74
N VAL M 55 16.52 25.87 5.40
CA VAL M 55 16.98 24.69 4.67
C VAL M 55 17.16 25.04 3.21
N LYS M 56 18.24 24.53 2.62
CA LYS M 56 18.52 24.76 1.21
C LYS M 56 18.96 23.45 0.59
N GLU M 57 18.84 23.34 -0.73
CA GLU M 57 19.30 22.18 -1.49
C GLU M 57 20.56 21.58 -0.87
N GLY M 58 20.50 20.28 -0.57
CA GLY M 58 21.62 19.60 0.10
C GLY M 58 21.25 19.04 1.47
N ASP M 59 20.55 19.85 2.27
CA ASP M 59 20.15 19.52 3.65
C ASP M 59 19.29 18.26 3.77
N VAL M 60 19.19 17.75 5.00
CA VAL M 60 18.35 16.61 5.34
C VAL M 60 17.68 16.86 6.70
N ILE M 61 16.35 16.91 6.72
CA ILE M 61 15.63 17.06 7.98
C ILE M 61 15.36 15.66 8.52
N LEU M 62 15.43 15.53 9.86
CA LEU M 62 15.12 14.26 10.56
C LEU M 62 13.96 14.42 11.53
N VAL M 63 13.10 13.41 11.55
CA VAL M 63 12.01 13.35 12.53
C VAL M 63 11.85 11.94 13.08
N LYS M 64 11.30 11.83 14.30
CA LYS M 64 11.24 10.56 15.00
C LYS M 64 10.17 9.57 14.48
N LYS M 65 8.92 10.02 14.36
CA LYS M 65 7.84 9.21 13.81
C LYS M 65 7.17 9.97 12.68
N LEU M 66 6.33 9.29 11.90
CA LEU M 66 5.56 9.94 10.83
C LEU M 66 4.61 10.99 11.34
N ASP M 67 3.79 10.60 12.32
CA ASP M 67 2.72 11.44 12.84
C ASP M 67 3.22 12.70 13.55
N ARG M 68 4.44 13.10 13.26
CA ARG M 68 4.97 14.31 13.83
C ARG M 68 4.94 15.39 12.78
N LEU M 69 5.64 15.19 11.67
CA LEU M 69 5.69 16.19 10.61
C LEU M 69 4.31 16.75 10.26
N GLY M 70 3.35 15.86 10.10
CA GLY M 70 2.04 16.30 9.67
C GLY M 70 0.91 15.72 10.48
N ARG M 71 -0.08 16.57 10.76
CA ARG M 71 -1.34 16.15 11.33
C ARG M 71 -2.10 15.21 10.37
N ASP M 72 -2.19 15.60 9.10
CA ASP M 72 -3.01 14.88 8.13
C ASP M 72 -2.32 14.66 6.78
N THR M 73 -2.61 13.51 6.17
CA THR M 73 -1.94 13.01 4.96
C THR M 73 -1.88 14.05 3.83
N ALA M 74 -2.97 14.79 3.65
CA ALA M 74 -3.06 15.84 2.64
C ALA M 74 -2.05 16.99 2.86
N ASP M 75 -2.04 17.54 4.07
CA ASP M 75 -1.01 18.51 4.47
C ASP M 75 0.41 17.91 4.25
N MET M 76 0.69 16.75 4.83
CA MET M 76 2.03 16.20 4.82
C MET M 76 2.62 15.94 3.43
N ILE M 77 1.76 15.65 2.46
CA ILE M 77 2.25 15.37 1.11
C ILE M 77 2.68 16.66 0.41
N GLN M 78 1.99 17.75 0.70
CA GLN M 78 2.35 19.05 0.17
C GLN M 78 3.71 19.46 0.70
N LEU M 79 3.90 19.35 2.00
CA LEU M 79 5.19 19.62 2.63
C LEU M 79 6.33 18.93 1.91
N ILE M 80 6.20 17.62 1.74
CA ILE M 80 7.23 16.81 1.08
C ILE M 80 7.48 17.29 -0.34
N LYS M 81 6.41 17.56 -1.07
CA LYS M 81 6.48 18.05 -2.45
C LYS M 81 7.25 19.36 -2.56
N GLU M 82 6.98 20.29 -1.63
CA GLU M 82 7.68 21.58 -1.55
C GLU M 82 9.18 21.35 -1.41
N PHE M 83 9.53 20.75 -0.27
CA PHE M 83 10.88 20.38 0.06
C PHE M 83 11.57 19.76 -1.15
N ASP M 84 10.94 18.72 -1.73
CA ASP M 84 11.54 18.00 -2.83
C ASP M 84 12.02 18.96 -3.92
N ALA M 85 11.14 19.83 -4.38
CA ALA M 85 11.49 20.84 -5.38
C ALA M 85 12.66 21.68 -4.90
N GLN M 86 12.58 22.10 -3.64
CA GLN M 86 13.65 22.84 -2.95
C GLN M 86 14.97 22.07 -2.90
N GLY M 87 14.90 20.75 -3.03
CA GLY M 87 16.07 19.87 -3.03
C GLY M 87 16.43 19.30 -1.66
N VAL M 88 15.45 19.21 -0.76
CA VAL M 88 15.69 18.60 0.54
C VAL M 88 14.80 17.40 0.78
N SER M 89 15.33 16.44 1.53
CA SER M 89 14.63 15.20 1.78
C SER M 89 14.35 15.07 3.27
N ILE M 90 13.45 14.16 3.63
CA ILE M 90 13.15 13.86 5.02
C ILE M 90 13.44 12.39 5.34
N ARG M 91 14.10 12.16 6.48
CA ARG M 91 14.40 10.81 6.99
C ARG M 91 13.63 10.56 8.27
N PHE M 92 12.91 9.44 8.33
CA PHE M 92 12.10 9.14 9.51
C PHE M 92 12.77 8.08 10.37
N ILE M 93 13.06 8.42 11.62
CA ILE M 93 13.96 7.60 12.42
C ILE M 93 13.39 6.23 12.80
N ASP M 94 12.25 6.20 13.48
CA ASP M 94 11.63 4.94 13.92
C ASP M 94 11.13 4.10 12.75
N ASP M 95 10.51 4.76 11.78
CA ASP M 95 9.97 4.07 10.62
C ASP M 95 11.08 3.59 9.69
N GLY M 96 12.26 4.21 9.82
CA GLY M 96 13.44 3.89 9.02
C GLY M 96 13.18 3.90 7.53
N ILE M 97 12.58 4.99 7.05
CA ILE M 97 12.27 5.18 5.63
C ILE M 97 12.50 6.65 5.29
N SER M 98 12.63 6.98 4.00
CA SER M 98 12.91 8.37 3.63
C SER M 98 12.67 8.79 2.19
N THR M 99 12.14 10.01 2.10
CA THR M 99 11.90 10.83 0.93
C THR M 99 12.97 11.00 -0.17
N ASP M 100 14.20 10.55 0.02
CA ASP M 100 15.23 10.81 -1.01
C ASP M 100 14.97 10.11 -2.35
N SER M 101 14.38 8.91 -2.30
CA SER M 101 14.02 8.15 -3.50
C SER M 101 12.52 8.23 -3.85
N TYR M 102 12.10 7.42 -4.83
CA TYR M 102 10.71 7.46 -5.31
C TYR M 102 9.81 6.47 -4.60
N ILE M 103 10.27 5.23 -4.49
CA ILE M 103 9.55 4.21 -3.75
C ILE M 103 9.52 4.63 -2.28
N GLY M 104 10.37 5.60 -1.94
CA GLY M 104 10.40 6.18 -0.61
C GLY M 104 9.15 6.98 -0.31
N LYS M 105 8.91 7.99 -1.15
CA LYS M 105 7.73 8.84 -1.03
C LYS M 105 6.48 8.00 -1.10
N MET M 106 6.48 7.03 -2.00
CA MET M 106 5.38 6.10 -2.11
C MET M 106 5.06 5.41 -0.75
N VAL M 107 6.06 4.76 -0.16
CA VAL M 107 5.87 4.13 1.14
C VAL M 107 5.35 5.13 2.16
N VAL M 108 5.98 6.30 2.24
CA VAL M 108 5.57 7.37 3.17
C VAL M 108 4.08 7.59 3.06
N THR M 109 3.63 7.97 1.86
CA THR M 109 2.19 8.14 1.59
C THR M 109 1.33 6.96 2.00
N ILE M 110 1.70 5.76 1.56
CA ILE M 110 0.93 4.55 1.86
C ILE M 110 0.80 4.40 3.35
N LEU M 111 1.88 4.74 4.04
CA LEU M 111 1.96 4.61 5.48
C LEU M 111 1.10 5.62 6.21
N SER M 112 1.24 6.91 5.93
CA SER M 112 0.38 7.83 6.65
C SER M 112 -1.08 7.66 6.27
N ALA M 113 -1.34 7.09 5.10
CA ALA M 113 -2.73 6.88 4.72
C ALA M 113 -3.39 5.82 5.60
N VAL M 114 -2.65 4.78 5.96
CA VAL M 114 -3.23 3.73 6.79
C VAL M 114 -3.35 4.28 8.20
N ALA M 115 -2.49 5.25 8.50
CA ALA M 115 -2.52 5.91 9.78
C ALA M 115 -3.86 6.64 9.90
N GLN M 116 -4.09 7.60 9.01
CA GLN M 116 -5.25 8.45 9.07
C GLN M 116 -6.55 7.70 9.25
N ALA M 117 -6.71 6.58 8.56
CA ALA M 117 -7.94 5.79 8.67
C ALA M 117 -8.04 5.20 10.06
N GLU M 118 -6.93 4.68 10.56
CA GLU M 118 -6.90 4.12 11.90
C GLU M 118 -7.18 5.23 12.91
N ARG M 119 -6.55 6.39 12.72
CA ARG M 119 -6.78 7.57 13.56
C ARG M 119 -8.27 7.92 13.64
N GLN M 120 -8.95 7.92 12.51
CA GLN M 120 -10.35 8.31 12.43
C GLN M 120 -11.31 7.29 13.02
N ARG M 121 -10.96 6.02 12.95
CA ARG M 121 -11.83 4.98 13.46
C ARG M 121 -11.83 5.07 14.97
N ILE M 122 -10.68 5.45 15.53
CA ILE M 122 -10.55 5.64 16.95
C ILE M 122 -11.36 6.84 17.38
N LEU M 123 -11.26 7.92 16.62
CA LEU M 123 -11.97 9.15 16.93
C LEU M 123 -13.47 8.96 17.06
N GLN M 124 -14.04 8.07 16.25
CA GLN M 124 -15.46 7.81 16.30
C GLN M 124 -15.81 7.01 17.56
N ARG M 125 -15.03 5.97 17.82
CA ARG M 125 -15.21 5.12 19.01
C ARG M 125 -15.09 5.93 20.31
N THR M 126 -14.36 7.03 20.24
CA THR M 126 -14.15 7.92 21.39
C THR M 126 -15.35 8.84 21.62
N ASN M 127 -16.09 9.19 20.56
CA ASN M 127 -17.28 10.03 20.71
C ASN M 127 -18.49 9.28 21.20
N GLU M 128 -18.65 8.04 20.71
CA GLU M 128 -19.69 7.15 21.20
C GLU M 128 -19.43 6.82 22.66
N GLY M 129 -18.16 6.59 22.98
CA GLY M 129 -17.72 6.41 24.36
C GLY M 129 -18.26 7.49 25.28
N ARG M 130 -18.26 8.74 24.81
CA ARG M 130 -18.77 9.86 25.61
C ARG M 130 -20.27 9.76 25.79
N GLN M 131 -20.98 9.27 24.78
CA GLN M 131 -22.44 9.15 24.88
C GLN M 131 -22.93 8.07 25.83
N GLU M 132 -22.33 6.88 25.76
CA GLU M 132 -22.68 5.78 26.65
C GLU M 132 -22.04 5.93 28.04
N ALA M 133 -21.38 7.07 28.27
CA ALA M 133 -20.88 7.42 29.59
C ALA M 133 -21.54 8.71 30.10
N MET M 134 -21.93 9.59 29.17
CA MET M 134 -22.57 10.86 29.50
C MET M 134 -24.01 10.66 29.95
N ALA M 135 -24.75 9.87 29.16
CA ALA M 135 -26.13 9.51 29.48
C ALA M 135 -26.21 8.48 30.62
N LYS M 136 -25.11 7.75 30.83
CA LYS M 136 -24.96 6.79 31.92
C LYS M 136 -25.09 7.45 33.30
N GLY M 137 -24.73 8.73 33.38
CA GLY M 137 -24.80 9.50 34.63
C GLY M 137 -23.45 9.96 35.16
N VAL M 138 -22.39 9.76 34.36
CA VAL M 138 -21.04 10.16 34.74
C VAL M 138 -20.89 11.68 34.61
N VAL M 139 -20.13 12.26 35.54
CA VAL M 139 -19.99 13.72 35.63
C VAL M 139 -18.68 14.19 34.97
N PHE M 140 -18.80 15.14 34.05
CA PHE M 140 -17.64 15.70 33.33
C PHE M 140 -17.20 17.05 33.85
N GLY M 141 -15.89 17.30 33.83
CA GLY M 141 -15.36 18.63 34.12
C GLY M 141 -14.75 18.79 35.50
N ARG M 142 -13.90 19.80 35.64
CA ARG M 142 -13.17 20.11 36.88
C ARG M 142 -13.93 19.78 38.16
N LYS M 143 -13.27 19.09 39.07
CA LYS M 143 -13.85 18.77 40.37
C LYS M 143 -14.01 20.05 41.18
N ARG M 144 -15.13 20.17 41.88
CA ARG M 144 -15.45 21.37 42.67
C ARG M 144 -14.58 21.47 43.94
N LYS M 145 -13.80 22.56 44.04
CA LYS M 145 -12.87 22.79 45.16
C LYS M 145 -13.54 23.51 46.31
N ILE M 146 -14.48 24.38 45.98
CA ILE M 146 -14.95 25.37 46.94
C ILE M 146 -16.00 24.80 47.89
N ASP M 147 -15.90 25.15 49.17
CA ASP M 147 -16.89 24.79 50.18
C ASP M 147 -18.07 25.72 50.04
N ARG M 148 -19.09 25.30 49.29
CA ARG M 148 -20.23 26.17 48.99
C ARG M 148 -21.18 26.33 50.17
N ASP M 149 -21.32 25.28 50.99
CA ASP M 149 -22.10 25.37 52.21
C ASP M 149 -21.53 26.44 53.15
N ALA M 150 -20.32 26.90 52.84
CA ALA M 150 -19.66 27.95 53.61
C ALA M 150 -19.89 29.32 53.00
N VAL M 151 -20.57 29.37 51.87
CA VAL M 151 -20.91 30.64 51.24
C VAL M 151 -22.35 30.97 51.59
N LEU M 152 -23.25 30.01 51.42
CA LEU M 152 -24.65 30.20 51.75
C LEU M 152 -24.77 30.56 53.22
N ASN M 153 -24.07 29.78 54.04
CA ASN M 153 -24.11 29.86 55.50
C ASN M 153 -23.43 31.12 56.05
N MET M 154 -23.00 31.99 55.14
CA MET M 154 -22.27 33.19 55.51
C MET M 154 -22.99 34.44 54.97
N TRP M 155 -23.72 34.26 53.88
CA TRP M 155 -24.52 35.31 53.24
C TRP M 155 -25.91 35.38 53.89
N GLN M 156 -26.53 34.22 54.10
CA GLN M 156 -27.79 34.13 54.84
C GLN M 156 -27.59 34.60 56.28
N GLN M 157 -26.35 34.96 56.59
CA GLN M 157 -25.96 35.44 57.92
C GLN M 157 -25.66 36.94 57.91
N GLY M 158 -26.06 37.63 56.83
CA GLY M 158 -25.98 39.09 56.75
C GLY M 158 -24.81 39.69 56.01
N LEU M 159 -23.62 39.09 56.20
CA LEU M 159 -22.35 39.64 55.71
C LEU M 159 -22.31 39.74 54.19
N GLY M 160 -21.58 40.76 53.71
CA GLY M 160 -21.47 41.03 52.27
C GLY M 160 -20.31 40.31 51.63
N ALA M 161 -20.37 40.19 50.30
CA ALA M 161 -19.44 39.34 49.54
C ALA M 161 -17.96 39.70 49.67
N SER M 162 -17.63 40.97 49.54
CA SER M 162 -16.23 41.41 49.59
C SER M 162 -15.55 40.84 50.80
N HIS M 163 -16.28 40.86 51.92
CA HIS M 163 -15.83 40.28 53.18
C HIS M 163 -15.58 38.77 53.03
N ILE M 164 -16.58 38.05 52.53
CA ILE M 164 -16.56 36.60 52.34
C ILE M 164 -15.38 36.14 51.48
N SER M 165 -15.08 36.89 50.43
CA SER M 165 -14.03 36.51 49.48
C SER M 165 -12.63 36.68 50.07
N LYS M 166 -12.48 37.53 51.08
CA LYS M 166 -11.18 37.82 51.66
C LYS M 166 -10.82 36.82 52.75
N THR M 167 -11.79 36.54 53.64
CA THR M 167 -11.59 35.64 54.78
C THR M 167 -11.33 34.22 54.27
N MET M 168 -12.30 33.65 53.55
CA MET M 168 -12.01 32.56 52.64
C MET M 168 -11.10 33.11 51.57
N ASN M 169 -10.28 32.27 50.94
CA ASN M 169 -9.38 32.78 49.92
C ASN M 169 -9.84 32.42 48.52
N ILE M 170 -10.82 33.15 48.01
CA ILE M 170 -11.34 32.91 46.65
C ILE M 170 -11.80 34.22 46.00
N ALA M 171 -11.95 34.21 44.68
CA ALA M 171 -12.31 35.43 43.95
C ALA M 171 -13.77 35.80 44.16
N ARG M 172 -14.06 37.11 44.17
CA ARG M 172 -15.41 37.59 44.49
C ARG M 172 -16.34 37.24 43.35
N SER M 173 -15.77 37.10 42.16
CA SER M 173 -16.49 36.68 40.98
C SER M 173 -17.30 35.44 41.31
N THR M 174 -16.64 34.51 42.01
CA THR M 174 -17.19 33.21 42.33
C THR M 174 -18.32 33.28 43.36
N VAL M 175 -18.10 34.03 44.44
CA VAL M 175 -19.04 34.17 45.56
C VAL M 175 -20.49 34.44 45.14
N TYR M 176 -20.69 35.46 44.31
CA TYR M 176 -22.01 35.81 43.80
C TYR M 176 -22.58 34.70 42.91
N LYS M 177 -21.70 34.05 42.14
CA LYS M 177 -22.10 32.96 41.24
C LYS M 177 -22.69 31.82 42.06
N VAL M 178 -21.95 31.44 43.08
CA VAL M 178 -22.36 30.43 44.03
C VAL M 178 -23.75 30.73 44.60
N ILE M 179 -24.06 32.02 44.78
CA ILE M 179 -25.37 32.42 45.28
C ILE M 179 -26.47 32.22 44.25
N ASN M 180 -26.33 32.84 43.07
CA ASN M 180 -27.39 32.83 42.07
C ASN M 180 -27.80 31.46 41.53
N GLU M 181 -26.89 30.50 41.64
CA GLU M 181 -27.13 29.13 41.20
C GLU M 181 -27.94 28.32 42.22
N SER M 182 -27.79 28.61 43.50
CA SER M 182 -28.43 27.81 44.56
C SER M 182 -29.84 28.30 44.91
N ASN M 183 -30.70 28.42 43.90
CA ASN M 183 -32.09 28.84 44.13
C ASN M 183 -33.08 27.69 44.04
N ALA N 2 -27.34 15.21 -6.98
CA ALA N 2 -27.37 15.39 -8.46
C ALA N 2 -26.16 14.72 -9.08
N LEU N 3 -26.38 13.87 -10.09
CA LEU N 3 -25.27 13.20 -10.75
C LEU N 3 -24.52 14.13 -11.70
N PHE N 4 -23.21 13.97 -11.72
CA PHE N 4 -22.33 14.74 -12.59
C PHE N 4 -21.24 13.85 -13.19
N GLY N 5 -20.77 14.24 -14.37
CA GLY N 5 -19.71 13.49 -15.02
C GLY N 5 -18.46 14.34 -15.16
N TYR N 6 -17.32 13.68 -15.45
CA TYR N 6 -16.08 14.37 -15.75
C TYR N 6 -15.14 13.49 -16.57
N ALA N 7 -14.68 14.01 -17.70
CA ALA N 7 -13.75 13.27 -18.54
C ALA N 7 -12.59 14.17 -18.97
N ARG N 8 -11.46 13.57 -19.31
CA ARG N 8 -10.25 14.35 -19.55
C ARG N 8 -9.32 13.60 -20.48
N VAL N 9 -8.47 14.34 -21.18
CA VAL N 9 -7.60 13.74 -22.19
C VAL N 9 -6.27 14.50 -22.29
N SER N 10 -5.18 13.77 -22.53
CA SER N 10 -3.85 14.39 -22.59
C SER N 10 -3.01 14.04 -23.82
N THR N 11 -3.44 13.06 -24.63
CA THR N 11 -2.68 12.66 -25.82
C THR N 11 -3.57 12.43 -27.05
N SER N 12 -2.92 12.17 -28.19
CA SER N 12 -3.55 11.95 -29.50
C SER N 12 -4.82 11.11 -29.42
N GLN N 13 -4.81 10.16 -28.49
CA GLN N 13 -5.94 9.28 -28.22
C GLN N 13 -7.08 10.05 -27.54
N GLN N 14 -7.64 11.03 -28.27
CA GLN N 14 -8.72 11.88 -27.79
C GLN N 14 -10.06 11.16 -27.83
N SER N 15 -10.06 9.94 -27.29
CA SER N 15 -11.26 9.14 -27.16
C SER N 15 -12.10 9.67 -26.00
N LEU N 16 -12.06 10.98 -25.83
CA LEU N 16 -12.98 11.68 -24.95
C LEU N 16 -14.36 11.08 -25.12
N ASP N 17 -14.60 10.51 -26.30
CA ASP N 17 -15.85 9.84 -26.64
C ASP N 17 -16.11 8.56 -25.84
N ILE N 18 -15.08 7.72 -25.70
CA ILE N 18 -15.22 6.50 -24.87
C ILE N 18 -15.58 6.91 -23.46
N GLN N 19 -14.85 7.86 -22.89
CA GLN N 19 -15.14 8.40 -21.57
C GLN N 19 -16.56 8.98 -21.49
N VAL N 20 -16.89 9.90 -22.39
CA VAL N 20 -18.19 10.57 -22.37
C VAL N 20 -19.32 9.57 -22.59
N ARG N 21 -19.07 8.54 -23.41
CA ARG N 21 -20.06 7.47 -23.58
C ARG N 21 -20.19 6.61 -22.34
N ALA N 22 -19.06 6.18 -21.77
CA ALA N 22 -19.06 5.39 -20.54
C ALA N 22 -19.85 6.08 -19.42
N LEU N 23 -19.66 7.38 -19.29
CA LEU N 23 -20.36 8.18 -18.32
C LEU N 23 -21.86 8.17 -18.55
N LYS N 24 -22.26 8.31 -19.83
CA LYS N 24 -23.68 8.28 -20.25
C LYS N 24 -24.32 6.96 -19.89
N ASP N 25 -23.61 5.87 -20.20
CA ASP N 25 -24.02 4.53 -19.85
C ASP N 25 -24.26 4.42 -18.35
N ALA N 26 -23.46 5.13 -17.57
CA ALA N 26 -23.60 5.12 -16.11
C ALA N 26 -24.78 5.96 -15.62
N GLY N 27 -25.38 6.74 -16.53
CA GLY N 27 -26.62 7.47 -16.23
C GLY N 27 -26.51 8.99 -16.11
N VAL N 28 -25.35 9.52 -16.49
CA VAL N 28 -25.10 10.96 -16.42
C VAL N 28 -25.63 11.60 -17.68
N LYS N 29 -26.45 12.63 -17.50
CA LYS N 29 -27.07 13.34 -18.61
C LYS N 29 -26.07 14.31 -19.20
N ALA N 30 -26.02 14.38 -20.53
CA ALA N 30 -25.10 15.29 -21.22
C ALA N 30 -25.08 16.65 -20.52
N ASN N 31 -26.27 17.15 -20.26
CA ASN N 31 -26.56 18.31 -19.39
C ASN N 31 -25.54 18.66 -18.29
N ARG N 32 -24.92 17.64 -17.68
CA ARG N 32 -24.01 17.84 -16.55
C ARG N 32 -22.69 17.05 -16.64
N ILE N 33 -22.32 16.64 -17.84
CA ILE N 33 -20.99 16.05 -18.10
C ILE N 33 -20.03 17.19 -18.42
N PHE N 34 -18.85 17.17 -17.81
CA PHE N 34 -17.91 18.28 -17.98
C PHE N 34 -16.57 17.85 -18.53
N THR N 35 -16.07 18.62 -19.49
CA THR N 35 -14.91 18.19 -20.25
C THR N 35 -13.74 19.15 -20.28
N ASP N 36 -12.56 18.55 -20.27
CA ASP N 36 -11.27 19.22 -20.34
C ASP N 36 -10.37 18.42 -21.27
N LYS N 37 -9.51 19.13 -22.01
CA LYS N 37 -8.53 18.48 -22.88
C LYS N 37 -7.22 19.24 -22.87
N ALA N 38 -6.22 18.65 -22.21
CA ALA N 38 -4.92 19.29 -22.06
C ALA N 38 -4.34 19.78 -23.39
N SER N 39 -4.09 21.10 -23.45
CA SER N 39 -3.39 21.71 -24.58
C SER N 39 -1.89 21.78 -24.26
N GLY N 40 -1.52 21.38 -23.05
CA GLY N 40 -0.13 21.45 -22.59
C GLY N 40 0.20 22.74 -21.86
N SER N 41 -0.85 23.46 -21.42
CA SER N 41 -0.69 24.70 -20.65
C SER N 41 -0.64 24.44 -19.14
N SER N 42 -0.44 25.51 -18.37
CA SER N 42 -0.21 25.45 -16.91
C SER N 42 -1.12 24.48 -16.16
N SER N 43 -2.38 24.87 -15.96
CA SER N 43 -3.44 23.95 -15.50
C SER N 43 -4.77 24.55 -15.93
N ASP N 44 -4.86 24.88 -17.21
CA ASP N 44 -6.10 25.40 -17.78
C ASP N 44 -7.10 24.26 -17.86
N ARG N 45 -7.38 23.68 -16.70
CA ARG N 45 -8.47 22.74 -16.52
C ARG N 45 -9.70 23.51 -16.03
N LYS N 46 -10.13 24.45 -16.86
CA LYS N 46 -11.24 25.38 -16.60
C LYS N 46 -12.58 24.67 -16.51
N GLY N 47 -12.70 23.56 -17.23
CA GLY N 47 -13.88 22.69 -17.18
C GLY N 47 -14.07 22.09 -15.79
N LEU N 48 -12.97 21.66 -15.19
CA LEU N 48 -13.00 21.20 -13.81
C LEU N 48 -13.33 22.36 -12.90
N ASP N 49 -12.53 23.41 -12.98
CA ASP N 49 -12.74 24.58 -12.16
C ASP N 49 -14.22 24.91 -12.07
N LEU N 50 -14.92 24.84 -13.20
CA LEU N 50 -16.34 25.16 -13.24
C LEU N 50 -17.18 24.11 -12.53
N LEU N 51 -16.93 22.83 -12.84
CA LEU N 51 -17.76 21.78 -12.25
C LEU N 51 -17.81 21.89 -10.74
N ARG N 52 -16.72 22.34 -10.11
CA ARG N 52 -16.71 22.42 -8.64
C ARG N 52 -17.40 23.66 -8.09
N MET N 53 -17.79 24.53 -8.99
CA MET N 53 -18.61 25.67 -8.65
C MET N 53 -20.04 25.17 -8.53
N LYS N 54 -20.47 24.39 -9.52
CA LYS N 54 -21.87 24.02 -9.67
C LYS N 54 -22.31 22.81 -8.82
N VAL N 55 -21.57 22.51 -7.76
CA VAL N 55 -21.92 21.36 -6.90
C VAL N 55 -22.33 21.76 -5.48
N LYS N 56 -23.31 21.04 -4.94
CA LYS N 56 -23.91 21.30 -3.62
C LYS N 56 -23.97 20.03 -2.76
N GLU N 57 -24.18 20.21 -1.45
CA GLU N 57 -24.36 19.08 -0.54
C GLU N 57 -25.31 18.05 -1.16
N GLY N 58 -24.87 16.80 -1.22
CA GLY N 58 -25.68 15.72 -1.78
C GLY N 58 -25.34 15.31 -3.22
N ASP N 59 -24.64 16.19 -3.94
CA ASP N 59 -24.25 15.88 -5.32
C ASP N 59 -23.17 14.79 -5.38
N VAL N 60 -23.13 14.06 -6.50
CA VAL N 60 -22.17 12.97 -6.72
C VAL N 60 -21.51 13.13 -8.10
N ILE N 61 -20.19 13.26 -8.14
CA ILE N 61 -19.49 13.39 -9.42
C ILE N 61 -18.97 12.02 -9.90
N LEU N 62 -19.02 11.80 -11.21
CA LEU N 62 -18.51 10.55 -11.78
C LEU N 62 -17.30 10.77 -12.68
N VAL N 63 -16.42 9.78 -12.67
CA VAL N 63 -15.20 9.79 -13.47
C VAL N 63 -14.87 8.32 -13.80
N LYS N 64 -14.43 8.07 -15.04
CA LYS N 64 -14.21 6.70 -15.50
C LYS N 64 -13.07 5.99 -14.79
N LYS N 65 -11.93 6.68 -14.65
CA LYS N 65 -10.73 6.12 -14.04
C LYS N 65 -10.04 7.15 -13.15
N LEU N 66 -9.25 6.68 -12.18
CA LEU N 66 -8.48 7.52 -11.25
C LEU N 66 -7.64 8.64 -11.89
N ASP N 67 -6.74 8.27 -12.79
CA ASP N 67 -5.76 9.22 -13.33
C ASP N 67 -6.37 10.33 -14.17
N ARG N 68 -7.69 10.35 -14.30
CA ARG N 68 -8.32 11.47 -14.95
C ARG N 68 -8.32 12.63 -13.99
N LEU N 69 -9.32 12.67 -13.10
CA LEU N 69 -9.42 13.69 -12.04
C LEU N 69 -8.09 14.30 -11.62
N GLY N 70 -7.19 13.44 -11.12
CA GLY N 70 -5.91 13.91 -10.59
C GLY N 70 -4.63 13.51 -11.33
N ARG N 71 -3.82 14.54 -11.62
CA ARG N 71 -2.46 14.40 -12.15
C ARG N 71 -1.51 13.78 -11.10
N ASP N 72 -1.33 14.49 -9.99
CA ASP N 72 -0.49 14.01 -8.93
C ASP N 72 -1.30 13.86 -7.64
N THR N 73 -0.88 12.89 -6.82
CA THR N 73 -1.58 12.48 -5.61
C THR N 73 -1.83 13.63 -4.66
N ALA N 74 -0.87 14.55 -4.56
CA ALA N 74 -1.02 15.76 -3.75
C ALA N 74 -2.27 16.52 -4.17
N ASP N 75 -2.24 16.99 -5.41
CA ASP N 75 -3.34 17.71 -6.03
C ASP N 75 -4.66 16.95 -5.83
N MET N 76 -4.63 15.65 -6.11
CA MET N 76 -5.78 14.74 -5.96
C MET N 76 -6.42 14.74 -4.57
N ILE N 77 -5.60 14.65 -3.55
CA ILE N 77 -6.07 14.49 -2.18
C ILE N 77 -6.74 15.77 -1.71
N GLN N 78 -6.13 16.91 -2.04
CA GLN N 78 -6.72 18.21 -1.78
C GLN N 78 -8.10 18.38 -2.39
N LEU N 79 -8.24 18.04 -3.66
CA LEU N 79 -9.53 18.11 -4.35
C LEU N 79 -10.61 17.36 -3.62
N ILE N 80 -10.25 16.21 -3.06
CA ILE N 80 -11.19 15.41 -2.33
C ILE N 80 -11.46 16.05 -0.97
N LYS N 81 -10.40 16.35 -0.22
CA LYS N 81 -10.52 17.17 0.99
C LYS N 81 -11.49 18.37 0.80
N GLU N 82 -11.43 19.01 -0.37
CA GLU N 82 -12.32 20.13 -0.68
C GLU N 82 -13.74 19.64 -0.88
N PHE N 83 -13.95 18.86 -1.93
CA PHE N 83 -15.26 18.29 -2.21
C PHE N 83 -15.93 17.71 -0.97
N ASP N 84 -15.14 17.06 -0.12
CA ASP N 84 -15.68 16.39 1.05
C ASP N 84 -16.31 17.41 1.99
N ALA N 85 -15.53 18.39 2.40
CA ALA N 85 -16.03 19.51 3.19
C ALA N 85 -17.33 20.09 2.64
N GLN N 86 -17.46 20.07 1.31
CA GLN N 86 -18.61 20.65 0.62
C GLN N 86 -19.86 19.78 0.75
N GLY N 87 -19.67 18.52 1.13
CA GLY N 87 -20.75 17.55 1.21
C GLY N 87 -20.99 16.81 -0.10
N VAL N 88 -19.92 16.59 -0.86
CA VAL N 88 -20.00 15.90 -2.16
C VAL N 88 -18.99 14.76 -2.26
N SER N 89 -19.35 13.72 -3.03
CA SER N 89 -18.53 12.52 -3.15
C SER N 89 -18.21 12.15 -4.59
N ILE N 90 -17.09 11.45 -4.77
CA ILE N 90 -16.70 10.94 -6.08
C ILE N 90 -16.82 9.41 -6.14
N ARG N 91 -17.34 8.90 -7.25
CA ARG N 91 -17.43 7.48 -7.52
C ARG N 91 -16.62 7.22 -8.80
N PHE N 92 -15.58 6.39 -8.69
CA PHE N 92 -14.81 6.01 -9.87
C PHE N 92 -15.33 4.69 -10.44
N ILE N 93 -15.61 4.68 -11.75
CA ILE N 93 -16.26 3.55 -12.44
C ILE N 93 -15.39 2.30 -12.62
N ASP N 94 -14.27 2.43 -13.33
CA ASP N 94 -13.35 1.31 -13.57
C ASP N 94 -12.67 0.81 -12.30
N ASP N 95 -12.33 1.74 -11.42
CA ASP N 95 -11.60 1.40 -10.21
C ASP N 95 -12.55 0.81 -9.18
N GLY N 96 -13.84 1.04 -9.37
CA GLY N 96 -14.89 0.47 -8.57
C GLY N 96 -14.85 0.79 -7.09
N ILE N 97 -14.53 2.04 -6.75
CA ILE N 97 -14.56 2.54 -5.35
C ILE N 97 -14.96 4.00 -5.31
N SER N 98 -15.36 4.47 -4.12
CA SER N 98 -15.83 5.86 -3.98
C SER N 98 -15.36 6.58 -2.70
N THR N 99 -15.23 7.91 -2.77
CA THR N 99 -14.79 8.75 -1.64
C THR N 99 -15.85 8.90 -0.53
N ASP N 100 -16.99 8.25 -0.77
CA ASP N 100 -18.09 8.01 0.16
C ASP N 100 -17.73 7.80 1.63
N SER N 101 -16.89 6.81 1.90
CA SER N 101 -16.49 6.38 3.26
C SER N 101 -15.02 6.67 3.60
N TYR N 102 -14.62 6.39 4.84
CA TYR N 102 -13.23 6.62 5.29
C TYR N 102 -12.26 5.68 4.61
N ILE N 103 -12.60 4.39 4.60
CA ILE N 103 -11.80 3.35 3.94
C ILE N 103 -11.75 3.66 2.45
N GLY N 104 -12.85 4.18 1.94
CA GLY N 104 -12.94 4.61 0.56
C GLY N 104 -11.75 5.49 0.26
N LYS N 105 -11.72 6.66 0.89
CA LYS N 105 -10.66 7.64 0.67
C LYS N 105 -9.28 6.99 0.72
N MET N 106 -9.03 6.20 1.76
CA MET N 106 -7.76 5.49 1.91
C MET N 106 -7.38 4.72 0.64
N VAL N 107 -8.28 3.86 0.17
CA VAL N 107 -8.00 3.05 -1.00
C VAL N 107 -7.67 3.93 -2.23
N VAL N 108 -8.46 4.98 -2.45
CA VAL N 108 -8.10 6.01 -3.45
C VAL N 108 -6.66 6.53 -3.22
N THR N 109 -6.45 7.15 -2.06
CA THR N 109 -5.14 7.66 -1.74
C THR N 109 -4.06 6.64 -2.06
N ILE N 110 -4.27 5.39 -1.64
CA ILE N 110 -3.27 4.34 -1.91
C ILE N 110 -3.05 4.15 -3.40
N LEU N 111 -4.13 3.80 -4.11
CA LEU N 111 -3.98 3.46 -5.51
C LEU N 111 -3.30 4.56 -6.32
N SER N 112 -3.66 5.82 -6.10
CA SER N 112 -2.96 6.91 -6.79
C SER N 112 -1.47 6.98 -6.39
N ALA N 113 -1.19 6.73 -5.13
CA ALA N 113 0.18 6.76 -4.69
C ALA N 113 0.99 5.67 -5.39
N VAL N 114 0.38 4.51 -5.59
CA VAL N 114 1.04 3.42 -6.27
C VAL N 114 1.19 3.76 -7.74
N ALA N 115 0.20 4.46 -8.29
CA ALA N 115 0.23 4.86 -9.68
C ALA N 115 1.37 5.85 -9.91
N GLN N 116 1.34 6.96 -9.17
CA GLN N 116 2.27 8.04 -9.38
C GLN N 116 3.66 7.47 -9.46
N ALA N 117 3.92 6.54 -8.55
CA ALA N 117 5.19 5.89 -8.46
C ALA N 117 5.51 5.19 -9.75
N GLU N 118 4.63 4.30 -10.21
CA GLU N 118 4.93 3.53 -11.42
C GLU N 118 4.99 4.40 -12.66
N ARG N 119 4.30 5.53 -12.60
CA ARG N 119 4.29 6.54 -13.64
C ARG N 119 5.58 7.35 -13.70
N GLN N 120 6.25 7.50 -12.56
CA GLN N 120 7.51 8.23 -12.51
C GLN N 120 8.64 7.39 -13.10
N ARG N 121 8.64 6.10 -12.77
CA ARG N 121 9.68 5.18 -13.23
C ARG N 121 9.68 5.11 -14.76
N ILE N 122 8.48 5.18 -15.35
CA ILE N 122 8.32 5.16 -16.81
C ILE N 122 8.93 6.42 -17.39
N LEU N 123 8.77 7.53 -16.69
CA LEU N 123 9.28 8.81 -17.17
C LEU N 123 10.80 8.79 -17.26
N GLN N 124 11.46 8.35 -16.19
CA GLN N 124 12.91 8.23 -16.15
C GLN N 124 13.45 7.20 -17.15
N ARG N 125 12.68 6.13 -17.38
CA ARG N 125 13.02 5.14 -18.42
C ARG N 125 12.90 5.74 -19.83
N THR N 126 11.81 6.46 -20.09
CA THR N 126 11.60 7.17 -21.34
C THR N 126 12.76 8.13 -21.61
N ASN N 127 13.20 8.80 -20.56
CA ASN N 127 14.27 9.80 -20.63
C ASN N 127 15.66 9.18 -20.88
N GLU N 128 15.96 8.08 -20.20
CA GLU N 128 17.21 7.34 -20.40
C GLU N 128 17.31 6.87 -21.85
N GLY N 129 16.17 6.47 -22.41
CA GLY N 129 16.07 6.04 -23.80
C GLY N 129 16.25 7.17 -24.80
N ARG N 130 15.95 8.41 -24.38
CA ARG N 130 16.21 9.58 -25.22
C ARG N 130 17.69 9.65 -25.51
N GLN N 131 18.50 9.24 -24.54
CA GLN N 131 19.95 9.32 -24.68
C GLN N 131 20.64 8.17 -25.42
N GLU N 132 20.06 6.98 -25.41
CA GLU N 132 20.66 5.87 -26.15
C GLU N 132 20.39 5.91 -27.66
N ALA N 133 19.53 6.85 -28.07
CA ALA N 133 19.27 7.13 -29.49
C ALA N 133 19.66 8.56 -29.90
N MET N 134 19.89 9.42 -28.91
CA MET N 134 20.34 10.80 -29.14
C MET N 134 21.79 10.85 -29.62
N ALA N 135 22.67 10.16 -28.91
CA ALA N 135 24.09 10.08 -29.27
C ALA N 135 24.32 9.06 -30.38
N LYS N 136 23.38 8.12 -30.51
CA LYS N 136 23.40 7.13 -31.60
C LYS N 136 23.32 7.83 -32.96
N GLY N 137 22.46 8.84 -33.06
CA GLY N 137 22.39 9.68 -34.25
C GLY N 137 21.00 9.93 -34.83
N VAL N 138 19.97 9.54 -34.08
CA VAL N 138 18.59 9.77 -34.52
C VAL N 138 18.25 11.24 -34.41
N VAL N 139 17.76 11.80 -35.50
CA VAL N 139 17.47 13.22 -35.62
C VAL N 139 16.08 13.52 -35.03
N PHE N 140 16.00 14.57 -34.22
CA PHE N 140 14.73 14.97 -33.63
C PHE N 140 14.10 16.19 -34.32
N GLY N 141 12.77 16.29 -34.24
CA GLY N 141 12.05 17.45 -34.73
C GLY N 141 11.06 17.17 -35.85
N ARG N 142 10.40 18.24 -36.29
CA ARG N 142 9.53 18.23 -37.46
C ARG N 142 10.38 17.99 -38.71
N LYS N 143 9.96 17.05 -39.54
CA LYS N 143 10.68 16.76 -40.78
C LYS N 143 10.66 17.95 -41.74
N ARG N 144 11.81 18.23 -42.34
CA ARG N 144 11.97 19.36 -43.25
C ARG N 144 11.11 19.20 -44.51
N LYS N 145 10.62 20.33 -45.01
CA LYS N 145 9.63 20.32 -46.10
C LYS N 145 9.92 21.28 -47.26
N ILE N 146 10.59 22.40 -46.96
CA ILE N 146 10.94 23.38 -48.00
C ILE N 146 12.17 22.94 -48.81
N ASP N 147 12.10 23.11 -50.13
CA ASP N 147 13.19 22.77 -51.03
C ASP N 147 14.35 23.77 -50.90
N ARG N 148 15.33 23.43 -50.06
CA ARG N 148 16.48 24.31 -49.78
C ARG N 148 17.55 24.28 -50.87
N ASP N 149 17.37 23.42 -51.88
CA ASP N 149 18.24 23.37 -53.06
C ASP N 149 17.71 24.27 -54.18
N ALA N 150 16.84 25.21 -53.82
CA ALA N 150 16.26 26.17 -54.77
C ALA N 150 16.23 27.59 -54.19
N VAL N 151 16.30 27.69 -52.86
CA VAL N 151 16.37 28.97 -52.15
C VAL N 151 17.78 29.57 -52.30
N LEU N 152 18.80 28.75 -52.03
CA LEU N 152 20.20 29.16 -52.16
C LEU N 152 20.64 29.21 -53.63
N ASN N 153 19.93 28.48 -54.49
CA ASN N 153 20.22 28.44 -55.92
C ASN N 153 19.68 29.67 -56.67
N MET N 154 18.74 30.38 -56.05
CA MET N 154 18.14 31.58 -56.64
C MET N 154 18.66 32.88 -56.00
N TRP N 155 19.12 32.79 -54.74
CA TRP N 155 19.70 33.92 -54.02
C TRP N 155 21.10 34.25 -54.52
N GLN N 156 21.90 33.20 -54.77
CA GLN N 156 23.24 33.35 -55.31
C GLN N 156 23.23 33.80 -56.78
N GLN N 157 22.07 33.69 -57.41
CA GLN N 157 21.86 34.20 -58.77
C GLN N 157 21.72 35.72 -58.78
N GLY N 158 21.28 36.27 -57.63
CA GLY N 158 21.21 37.72 -57.45
C GLY N 158 19.84 38.29 -57.11
N LEU N 159 18.80 37.46 -57.24
CA LEU N 159 17.42 37.90 -57.02
C LEU N 159 17.13 38.17 -55.55
N GLY N 160 16.44 39.28 -55.29
CA GLY N 160 16.16 39.76 -53.93
C GLY N 160 15.34 38.81 -53.07
N ALA N 161 15.30 39.10 -51.76
CA ALA N 161 14.64 38.24 -50.78
C ALA N 161 13.18 38.59 -50.48
N SER N 162 12.72 39.75 -50.99
CA SER N 162 11.30 40.10 -50.97
C SER N 162 10.66 39.76 -52.32
N HIS N 163 11.17 38.71 -52.96
CA HIS N 163 10.72 38.26 -54.28
C HIS N 163 10.68 36.73 -54.39
N ILE N 164 11.66 36.06 -53.76
CA ILE N 164 11.75 34.60 -53.77
C ILE N 164 10.64 33.94 -52.94
N SER N 165 10.20 34.63 -51.88
CA SER N 165 9.08 34.17 -51.06
C SER N 165 7.73 34.35 -51.78
N LYS N 166 7.71 35.23 -52.78
CA LYS N 166 6.53 35.47 -53.62
C LYS N 166 6.43 34.46 -54.77
N THR N 167 7.57 34.03 -55.30
CA THR N 167 7.62 33.04 -56.37
C THR N 167 7.15 31.68 -55.87
N MET N 168 7.77 31.20 -54.78
CA MET N 168 7.35 29.97 -54.12
C MET N 168 6.28 30.30 -53.07
N ASN N 169 6.05 29.38 -52.14
CA ASN N 169 5.01 29.58 -51.12
C ASN N 169 5.51 29.42 -49.69
N ILE N 170 6.49 30.25 -49.31
CA ILE N 170 7.04 30.26 -47.95
C ILE N 170 7.11 31.68 -47.37
N ALA N 171 7.24 31.78 -46.05
CA ALA N 171 7.33 33.07 -45.37
C ALA N 171 8.69 33.76 -45.61
N ARG N 172 8.71 35.09 -45.51
CA ARG N 172 9.92 35.87 -45.73
C ARG N 172 10.92 35.75 -44.58
N SER N 173 10.46 35.20 -43.46
CA SER N 173 11.30 34.94 -42.30
C SER N 173 12.22 33.73 -42.52
N THR N 174 11.77 32.78 -43.33
CA THR N 174 12.47 31.51 -43.53
C THR N 174 13.56 31.56 -44.60
N VAL N 175 13.46 32.51 -45.53
CA VAL N 175 14.48 32.71 -46.57
C VAL N 175 15.81 33.16 -45.95
N TYR N 176 15.74 34.16 -45.06
CA TYR N 176 16.92 34.68 -44.35
C TYR N 176 17.51 33.68 -43.36
N LYS N 177 16.67 32.76 -42.88
CA LYS N 177 17.09 31.69 -41.98
C LYS N 177 17.87 30.61 -42.74
N VAL N 178 17.40 30.30 -43.95
CA VAL N 178 18.06 29.32 -44.85
C VAL N 178 19.43 29.80 -45.32
N ILE N 179 19.56 31.10 -45.59
CA ILE N 179 20.81 31.72 -46.04
C ILE N 179 21.85 31.82 -44.92
N ASN N 180 21.44 32.35 -43.76
CA ASN N 180 22.33 32.56 -42.61
C ASN N 180 22.85 31.28 -41.98
N GLU N 181 21.97 30.28 -41.84
CA GLU N 181 22.31 29.04 -41.16
C GLU N 181 23.23 28.17 -42.01
N SER N 182 23.07 28.21 -43.33
CA SER N 182 23.93 27.45 -44.23
C SER N 182 25.24 28.20 -44.54
N ASN N 183 26.19 28.11 -43.62
CA ASN N 183 27.53 28.69 -43.79
C ASN N 183 28.64 27.64 -43.68
N MET O 1 -27.80 -16.15 7.37
CA MET O 1 -26.38 -15.87 7.75
C MET O 1 -25.99 -16.77 8.91
N ALA O 2 -25.41 -17.93 8.64
CA ALA O 2 -24.88 -18.74 9.72
C ALA O 2 -23.72 -17.94 10.32
N LEU O 3 -23.94 -17.29 11.46
CA LEU O 3 -22.89 -16.50 12.10
C LEU O 3 -21.98 -17.32 13.01
N PHE O 4 -20.69 -16.99 12.97
CA PHE O 4 -19.69 -17.66 13.78
C PHE O 4 -18.73 -16.63 14.36
N GLY O 5 -18.10 -17.00 15.47
CA GLY O 5 -17.12 -16.12 16.10
C GLY O 5 -15.78 -16.79 16.20
N TYR O 6 -14.75 -15.99 16.48
CA TYR O 6 -13.41 -16.51 16.73
C TYR O 6 -12.56 -15.54 17.53
N ALA O 7 -11.97 -16.03 18.61
CA ALA O 7 -11.13 -15.20 19.47
C ALA O 7 -9.86 -15.94 19.82
N ARG O 8 -8.81 -15.21 20.14
CA ARG O 8 -7.50 -15.82 20.33
C ARG O 8 -6.65 -15.00 21.29
N VAL O 9 -5.70 -15.66 21.94
CA VAL O 9 -4.84 -14.97 22.89
C VAL O 9 -3.41 -15.52 22.95
N SER O 10 -2.43 -14.65 23.14
CA SER O 10 -1.03 -15.06 23.12
C SER O 10 -0.19 -14.61 24.33
N THR O 11 -0.71 -13.73 25.17
CA THR O 11 0.04 -13.26 26.34
C THR O 11 -0.82 -13.18 27.62
N SER O 12 -0.17 -12.86 28.74
CA SER O 12 -0.77 -12.74 30.06
C SER O 12 -2.13 -12.06 30.05
N GLN O 13 -2.30 -11.11 29.15
CA GLN O 13 -3.54 -10.37 28.93
C GLN O 13 -4.59 -11.28 28.27
N GLN O 14 -4.98 -12.33 29.01
CA GLN O 14 -5.96 -13.30 28.54
C GLN O 14 -7.39 -12.77 28.64
N SER O 15 -7.57 -11.56 28.13
CA SER O 15 -8.87 -10.91 28.08
C SER O 15 -9.72 -11.53 26.99
N LEU O 16 -9.67 -12.85 26.91
CA LEU O 16 -10.49 -13.62 26.00
C LEU O 16 -11.95 -13.18 26.08
N ASP O 17 -12.34 -12.68 27.26
CA ASP O 17 -13.69 -12.16 27.50
C ASP O 17 -14.03 -10.98 26.59
N ILE O 18 -13.16 -9.97 26.59
CA ILE O 18 -13.34 -8.78 25.75
C ILE O 18 -13.70 -9.17 24.32
N GLN O 19 -12.95 -10.11 23.77
CA GLN O 19 -13.20 -10.63 22.43
C GLN O 19 -14.55 -11.32 22.34
N VAL O 20 -14.78 -12.32 23.19
CA VAL O 20 -16.05 -13.07 23.20
C VAL O 20 -17.23 -12.14 23.46
N ARG O 21 -16.98 -11.07 24.23
CA ARG O 21 -18.00 -10.05 24.46
C ARG O 21 -18.32 -9.30 23.17
N ALA O 22 -17.28 -8.73 22.56
CA ALA O 22 -17.38 -8.06 21.28
C ALA O 22 -18.20 -8.88 20.29
N LEU O 23 -17.86 -10.16 20.16
CA LEU O 23 -18.56 -11.09 19.27
C LEU O 23 -20.05 -11.25 19.59
N LYS O 24 -20.39 -11.47 20.86
CA LYS O 24 -21.80 -11.63 21.26
C LYS O 24 -22.54 -10.35 21.01
N ASP O 25 -21.93 -9.24 21.44
CA ASP O 25 -22.44 -7.88 21.19
C ASP O 25 -22.76 -7.67 19.70
N ALA O 26 -21.86 -8.15 18.84
CA ALA O 26 -22.04 -8.05 17.40
C ALA O 26 -23.14 -8.97 16.88
N GLY O 27 -23.52 -9.96 17.69
CA GLY O 27 -24.67 -10.82 17.39
C GLY O 27 -24.40 -12.28 17.10
N VAL O 28 -23.43 -12.86 17.80
CA VAL O 28 -23.20 -14.29 17.66
C VAL O 28 -23.73 -14.97 18.90
N LYS O 29 -24.21 -16.20 18.76
CA LYS O 29 -24.60 -17.01 19.91
C LYS O 29 -23.37 -17.74 20.42
N ALA O 30 -23.24 -17.88 21.75
CA ALA O 30 -22.14 -18.65 22.35
C ALA O 30 -22.10 -20.03 21.72
N ASN O 31 -23.28 -20.43 21.26
CA ASN O 31 -23.57 -21.62 20.48
C ASN O 31 -22.66 -21.88 19.27
N ARG O 32 -21.95 -20.84 18.82
CA ARG O 32 -21.12 -20.92 17.60
C ARG O 32 -19.87 -20.04 17.66
N ILE O 33 -19.44 -19.70 18.88
CA ILE O 33 -18.19 -18.98 19.10
C ILE O 33 -17.05 -19.95 19.45
N PHE O 34 -15.87 -19.70 18.91
CA PHE O 34 -14.76 -20.65 19.00
C PHE O 34 -13.48 -20.02 19.55
N THR O 35 -12.72 -20.81 20.32
CA THR O 35 -11.68 -20.26 21.16
C THR O 35 -10.37 -21.03 21.20
N ASP O 36 -9.26 -20.27 21.23
CA ASP O 36 -7.90 -20.78 21.14
C ASP O 36 -6.92 -19.94 21.95
N LYS O 37 -6.14 -20.60 22.82
CA LYS O 37 -5.06 -19.93 23.54
C LYS O 37 -3.73 -20.63 23.32
N ALA O 38 -2.91 -20.02 22.47
CA ALA O 38 -1.59 -20.55 22.14
C ALA O 38 -0.74 -20.70 23.40
N SER O 39 0.02 -21.79 23.44
CA SER O 39 0.91 -22.09 24.56
C SER O 39 2.39 -21.89 24.18
N GLY O 40 2.61 -21.35 22.98
CA GLY O 40 3.97 -21.10 22.47
C GLY O 40 4.59 -22.30 21.77
N SER O 41 3.87 -23.42 21.76
CA SER O 41 4.31 -24.64 21.08
C SER O 41 4.03 -24.57 19.58
N SER O 42 4.96 -25.13 18.79
CA SER O 42 4.94 -25.15 17.31
C SER O 42 3.70 -24.53 16.64
N SER O 43 2.55 -25.18 16.84
CA SER O 43 1.24 -24.71 16.39
C SER O 43 0.20 -25.71 16.84
N ASP O 44 -0.70 -25.27 17.71
CA ASP O 44 -1.77 -26.12 18.22
C ASP O 44 -3.07 -25.34 18.28
N ARG O 45 -3.55 -24.91 17.11
CA ARG O 45 -4.82 -24.21 17.03
C ARG O 45 -6.00 -25.13 16.70
N LYS O 46 -6.29 -26.02 17.65
CA LYS O 46 -7.36 -27.03 17.52
C LYS O 46 -8.75 -26.42 17.32
N GLY O 47 -8.95 -25.22 17.85
CA GLY O 47 -10.23 -24.52 17.80
C GLY O 47 -10.62 -24.06 16.41
N LEU O 48 -9.73 -23.32 15.76
CA LEU O 48 -9.94 -22.93 14.37
C LEU O 48 -10.18 -24.17 13.52
N ASP O 49 -9.22 -25.09 13.53
CA ASP O 49 -9.36 -26.39 12.88
C ASP O 49 -10.79 -26.94 12.91
N LEU O 50 -11.40 -26.91 14.10
CA LEU O 50 -12.74 -27.42 14.29
C LEU O 50 -13.74 -26.61 13.48
N LEU O 51 -13.64 -25.28 13.57
CA LEU O 51 -14.62 -24.38 12.98
C LEU O 51 -14.63 -24.46 11.46
N ARG O 52 -13.45 -24.56 10.85
CA ARG O 52 -13.38 -24.64 9.39
C ARG O 52 -13.82 -25.99 8.84
N MET O 53 -14.14 -26.89 9.75
CA MET O 53 -14.69 -28.19 9.40
C MET O 53 -16.22 -28.15 9.42
N LYS O 54 -16.78 -27.08 9.97
CA LYS O 54 -18.20 -27.06 10.26
C LYS O 54 -18.95 -25.98 9.47
N VAL O 55 -18.20 -25.14 8.75
CA VAL O 55 -18.83 -24.10 7.94
C VAL O 55 -19.21 -24.60 6.54
N LYS O 56 -20.20 -23.93 5.94
CA LYS O 56 -20.67 -24.24 4.59
C LYS O 56 -20.91 -22.94 3.80
N GLU O 57 -21.46 -23.08 2.60
CA GLU O 57 -21.76 -21.94 1.73
C GLU O 57 -22.85 -21.05 2.35
N GLY O 58 -22.57 -19.75 2.42
CA GLY O 58 -23.47 -18.78 3.03
C GLY O 58 -23.03 -18.29 4.40
N ASP O 59 -22.31 -19.15 5.12
CA ASP O 59 -21.83 -18.85 6.47
C ASP O 59 -20.89 -17.62 6.51
N VAL O 60 -20.89 -16.93 7.66
CA VAL O 60 -19.99 -15.80 7.89
C VAL O 60 -19.32 -15.93 9.26
N ILE O 61 -17.99 -16.01 9.26
CA ILE O 61 -17.21 -15.98 10.49
C ILE O 61 -16.84 -14.53 10.82
N LEU O 62 -17.02 -14.16 12.09
CA LEU O 62 -16.60 -12.85 12.61
C LEU O 62 -15.33 -12.91 13.50
N VAL O 63 -14.50 -11.86 13.43
CA VAL O 63 -13.29 -11.76 14.25
C VAL O 63 -13.01 -10.29 14.61
N LYS O 64 -12.54 -10.05 15.83
CA LYS O 64 -12.46 -8.70 16.38
C LYS O 64 -11.43 -7.76 15.73
N LYS O 65 -10.19 -8.23 15.60
CA LYS O 65 -9.16 -7.50 14.88
C LYS O 65 -8.39 -8.47 13.98
N LEU O 66 -7.66 -7.94 13.01
CA LEU O 66 -6.87 -8.76 12.09
C LEU O 66 -5.88 -9.72 12.76
N ASP O 67 -5.08 -9.19 13.67
CA ASP O 67 -3.95 -9.95 14.20
C ASP O 67 -4.37 -11.12 15.09
N ARG O 68 -5.64 -11.52 14.98
CA ARG O 68 -6.17 -12.61 15.78
C ARG O 68 -6.27 -13.86 14.96
N LEU O 69 -6.98 -13.77 13.85
CA LEU O 69 -7.08 -14.87 12.88
C LEU O 69 -5.73 -15.33 12.32
N GLY O 70 -4.97 -14.37 11.81
CA GLY O 70 -3.69 -14.73 11.19
C GLY O 70 -2.49 -14.20 11.94
N ARG O 71 -1.48 -15.05 12.04
CA ARG O 71 -0.16 -14.66 12.54
C ARG O 71 0.62 -13.92 11.44
N ASP O 72 1.10 -14.67 10.45
CA ASP O 72 1.79 -14.05 9.31
C ASP O 72 0.87 -13.98 8.09
N THR O 73 1.19 -13.07 7.16
CA THR O 73 0.31 -12.68 6.05
C THR O 73 0.02 -13.77 5.04
N ALA O 74 1.03 -14.59 4.75
CA ALA O 74 0.82 -15.78 3.92
C ALA O 74 -0.24 -16.70 4.52
N ASP O 75 -0.01 -17.13 5.77
CA ASP O 75 -0.96 -17.92 6.56
C ASP O 75 -2.37 -17.29 6.54
N MET O 76 -2.44 -16.00 6.74
CA MET O 76 -3.68 -15.26 6.56
C MET O 76 -4.30 -15.41 5.16
N ILE O 77 -3.50 -15.16 4.10
CA ILE O 77 -3.98 -15.20 2.72
C ILE O 77 -4.43 -16.60 2.32
N GLN O 78 -3.78 -17.60 2.91
CA GLN O 78 -4.13 -18.99 2.69
C GLN O 78 -5.45 -19.44 3.31
N LEU O 79 -5.72 -19.02 4.55
CA LEU O 79 -6.98 -19.34 5.21
C LEU O 79 -8.09 -18.83 4.34
N ILE O 80 -7.94 -17.59 3.92
CA ILE O 80 -8.93 -16.91 3.12
C ILE O 80 -9.13 -17.67 1.82
N LYS O 81 -8.04 -18.05 1.16
CA LYS O 81 -8.12 -18.87 -0.05
C LYS O 81 -9.00 -20.10 0.23
N GLU O 82 -8.71 -20.80 1.32
CA GLU O 82 -9.48 -21.98 1.74
C GLU O 82 -10.95 -21.60 1.89
N PHE O 83 -11.21 -20.70 2.82
CA PHE O 83 -12.55 -20.22 3.12
C PHE O 83 -13.29 -19.74 1.88
N ASP O 84 -12.56 -19.14 0.94
CA ASP O 84 -13.16 -18.52 -0.22
C ASP O 84 -13.72 -19.60 -1.13
N ALA O 85 -12.90 -20.60 -1.45
CA ALA O 85 -13.33 -21.72 -2.29
C ALA O 85 -14.40 -22.58 -1.61
N GLN O 86 -14.85 -22.12 -0.45
CA GLN O 86 -15.83 -22.86 0.33
C GLN O 86 -17.16 -22.13 0.34
N GLY O 87 -17.12 -20.83 0.06
CA GLY O 87 -18.32 -20.02 0.04
C GLY O 87 -18.58 -19.32 1.36
N VAL O 88 -17.53 -19.16 2.16
CA VAL O 88 -17.60 -18.35 3.38
C VAL O 88 -16.76 -17.09 3.22
N SER O 89 -17.06 -16.09 4.04
CA SER O 89 -16.36 -14.82 4.01
C SER O 89 -16.20 -14.30 5.42
N ILE O 90 -15.10 -13.62 5.66
CA ILE O 90 -14.77 -13.18 7.01
C ILE O 90 -15.03 -11.67 7.16
N ARG O 91 -15.68 -11.29 8.26
CA ARG O 91 -15.87 -9.89 8.61
C ARG O 91 -15.06 -9.53 9.85
N PHE O 92 -14.26 -8.48 9.71
CA PHE O 92 -13.44 -7.98 10.80
C PHE O 92 -14.08 -6.77 11.40
N ILE O 93 -14.43 -6.88 12.68
CA ILE O 93 -15.15 -5.83 13.39
C ILE O 93 -14.42 -4.50 13.38
N ASP O 94 -13.35 -4.42 14.16
CA ASP O 94 -12.67 -3.16 14.39
C ASP O 94 -12.08 -2.54 13.12
N ASP O 95 -11.60 -3.38 12.20
CA ASP O 95 -11.03 -2.86 10.94
C ASP O 95 -12.10 -2.48 9.91
N GLY O 96 -13.35 -2.85 10.21
CA GLY O 96 -14.54 -2.45 9.43
C GLY O 96 -14.62 -2.86 7.96
N ILE O 97 -14.08 -4.04 7.65
CA ILE O 97 -14.01 -4.54 6.28
C ILE O 97 -14.06 -6.06 6.26
N SER O 98 -14.31 -6.63 5.08
CA SER O 98 -14.49 -8.08 4.95
C SER O 98 -14.06 -8.64 3.61
N THR O 99 -13.55 -9.88 3.65
CA THR O 99 -13.10 -10.66 2.50
C THR O 99 -14.20 -10.83 1.47
N ASP O 100 -15.36 -10.27 1.79
CA ASP O 100 -16.55 -10.22 0.97
C ASP O 100 -16.34 -10.13 -0.54
N SER O 101 -15.62 -9.09 -0.97
CA SER O 101 -15.40 -8.80 -2.38
C SER O 101 -13.91 -8.90 -2.76
N TYR O 102 -13.60 -8.50 -4.00
CA TYR O 102 -12.21 -8.44 -4.49
C TYR O 102 -11.42 -7.33 -3.81
N ILE O 103 -11.93 -6.09 -3.90
CA ILE O 103 -11.30 -4.96 -3.23
C ILE O 103 -11.15 -5.27 -1.76
N GLY O 104 -12.15 -5.96 -1.20
CA GLY O 104 -12.16 -6.37 0.20
C GLY O 104 -10.86 -7.08 0.58
N LYS O 105 -10.58 -8.18 -0.12
CA LYS O 105 -9.38 -8.98 0.13
C LYS O 105 -8.14 -8.10 0.04
N MET O 106 -8.07 -7.30 -1.03
CA MET O 106 -6.93 -6.38 -1.25
C MET O 106 -6.61 -5.56 -0.01
N VAL O 107 -7.60 -4.80 0.45
CA VAL O 107 -7.47 -4.05 1.70
C VAL O 107 -6.98 -4.93 2.87
N VAL O 108 -7.70 -6.01 3.20
CA VAL O 108 -7.19 -6.96 4.21
C VAL O 108 -5.68 -7.23 4.02
N THR O 109 -5.30 -7.64 2.81
CA THR O 109 -3.91 -8.00 2.54
C THR O 109 -2.98 -6.83 2.88
N ILE O 110 -3.22 -5.68 2.23
CA ILE O 110 -2.44 -4.45 2.44
C ILE O 110 -2.29 -4.17 3.92
N LEU O 111 -3.40 -4.10 4.65
CA LEU O 111 -3.35 -3.90 6.10
C LEU O 111 -2.47 -4.88 6.89
N SER O 112 -2.63 -6.18 6.68
CA SER O 112 -1.81 -7.11 7.46
C SER O 112 -0.34 -7.00 7.04
N ALA O 113 -0.15 -6.61 5.79
CA ALA O 113 1.19 -6.41 5.28
C ALA O 113 1.86 -5.31 6.10
N VAL O 114 1.13 -4.23 6.34
CA VAL O 114 1.67 -3.17 7.16
C VAL O 114 1.89 -3.69 8.58
N ALA O 115 0.89 -4.33 9.15
CA ALA O 115 0.99 -4.86 10.50
C ALA O 115 2.33 -5.55 10.68
N GLN O 116 2.52 -6.64 9.92
CA GLN O 116 3.69 -7.52 10.00
C GLN O 116 5.01 -6.74 9.89
N ALA O 117 5.02 -5.69 9.09
CA ALA O 117 6.22 -4.87 8.95
C ALA O 117 6.51 -4.15 10.26
N GLU O 118 5.53 -3.38 10.73
CA GLU O 118 5.72 -2.62 11.97
C GLU O 118 5.87 -3.54 13.18
N ARG O 119 5.36 -4.77 13.07
CA ARG O 119 5.57 -5.77 14.13
C ARG O 119 7.02 -6.25 14.15
N GLN O 120 7.65 -6.45 12.99
CA GLN O 120 9.03 -6.90 12.94
C GLN O 120 9.97 -5.82 13.38
N ARG O 121 9.56 -4.58 13.15
CA ARG O 121 10.40 -3.45 13.47
C ARG O 121 10.45 -3.30 14.98
N ILE O 122 9.33 -3.62 15.63
CA ILE O 122 9.21 -3.61 17.08
C ILE O 122 10.09 -4.67 17.67
N LEU O 123 10.01 -5.86 17.08
CA LEU O 123 10.71 -7.04 17.56
C LEU O 123 12.24 -6.90 17.51
N GLN O 124 12.75 -6.20 16.49
CA GLN O 124 14.19 -5.98 16.39
C GLN O 124 14.68 -4.92 17.38
N ARG O 125 13.79 -4.04 17.80
CA ARG O 125 14.07 -3.04 18.84
C ARG O 125 14.05 -3.69 20.23
N THR O 126 13.18 -4.68 20.41
CA THR O 126 13.16 -5.50 21.62
C THR O 126 14.45 -6.28 21.72
N ASN O 127 15.00 -6.65 20.57
CA ASN O 127 16.20 -7.48 20.54
C ASN O 127 17.52 -6.75 20.63
N GLU O 128 17.59 -5.56 20.02
CA GLU O 128 18.69 -4.62 20.30
C GLU O 128 18.53 -4.14 21.73
N GLY O 129 17.31 -4.29 22.26
CA GLY O 129 17.00 -3.92 23.63
C GLY O 129 17.74 -4.77 24.64
N ARG O 130 17.70 -6.08 24.45
CA ARG O 130 18.41 -7.00 25.34
C ARG O 130 19.93 -6.98 25.12
N GLN O 131 20.38 -6.17 24.17
CA GLN O 131 21.82 -5.99 23.90
C GLN O 131 22.44 -4.79 24.61
N GLU O 132 21.73 -3.67 24.60
CA GLU O 132 22.11 -2.50 25.40
C GLU O 132 21.91 -2.79 26.89
N ALA O 133 21.84 -4.08 27.21
CA ALA O 133 21.62 -4.58 28.57
C ALA O 133 22.38 -5.88 28.79
N MET O 134 22.55 -6.66 27.73
CA MET O 134 23.32 -7.90 27.77
C MET O 134 24.79 -7.60 28.01
N ALA O 135 25.34 -6.71 27.19
CA ALA O 135 26.72 -6.27 27.32
C ALA O 135 26.87 -5.14 28.35
N LYS O 136 25.73 -4.58 28.79
CA LYS O 136 25.70 -3.57 29.85
C LYS O 136 26.01 -4.23 31.21
N GLY O 137 25.77 -5.54 31.30
CA GLY O 137 26.11 -6.31 32.50
C GLY O 137 25.03 -7.26 33.01
N VAL O 138 23.76 -6.95 32.72
CA VAL O 138 22.60 -7.68 33.28
C VAL O 138 22.66 -9.18 33.02
N VAL O 139 22.23 -9.96 34.00
CA VAL O 139 22.23 -11.42 33.90
C VAL O 139 20.82 -11.94 33.65
N PHE O 140 20.65 -12.63 32.52
CA PHE O 140 19.37 -13.22 32.11
C PHE O 140 19.21 -14.65 32.63
N GLY O 141 17.97 -15.11 32.65
CA GLY O 141 17.68 -16.50 32.96
C GLY O 141 17.04 -16.66 34.32
N ARG O 142 16.75 -17.91 34.65
CA ARG O 142 16.19 -18.30 35.94
C ARG O 142 17.18 -18.01 37.07
N LYS O 143 16.66 -17.59 38.22
CA LYS O 143 17.51 -17.30 39.37
C LYS O 143 17.98 -18.59 40.02
N ARG O 144 19.28 -18.63 40.32
CA ARG O 144 19.93 -19.79 40.92
C ARG O 144 19.35 -20.11 42.30
N LYS O 145 18.98 -21.36 42.54
CA LYS O 145 18.35 -21.72 43.82
C LYS O 145 19.14 -22.64 44.74
N ILE O 146 19.88 -23.59 44.17
CA ILE O 146 20.65 -24.52 45.00
C ILE O 146 21.85 -23.82 45.63
N ASP O 147 21.96 -23.96 46.94
CA ASP O 147 23.09 -23.45 47.71
C ASP O 147 24.35 -24.21 47.31
N ARG O 148 25.21 -23.54 46.54
CA ARG O 148 26.41 -24.17 45.96
C ARG O 148 27.53 -24.32 46.98
N ASP O 149 27.58 -23.43 47.96
CA ASP O 149 28.58 -23.49 49.03
C ASP O 149 28.24 -24.55 50.08
N ALA O 150 27.59 -25.62 49.62
CA ALA O 150 27.25 -26.76 50.46
C ALA O 150 27.34 -28.03 49.63
N VAL O 151 27.46 -27.84 48.31
CA VAL O 151 27.67 -28.93 47.37
C VAL O 151 29.17 -29.19 47.22
N LEU O 152 29.95 -28.12 47.12
CA LEU O 152 31.40 -28.23 46.99
C LEU O 152 32.04 -28.49 48.35
N ASN O 153 31.52 -27.83 49.38
CA ASN O 153 31.96 -28.02 50.76
C ASN O 153 31.66 -29.44 51.25
N MET O 154 30.76 -30.13 50.54
CA MET O 154 30.40 -31.51 50.87
C MET O 154 31.14 -32.53 49.99
N TRP O 155 31.78 -32.05 48.92
CA TRP O 155 32.42 -32.94 47.95
C TRP O 155 33.93 -33.07 48.12
N GLN O 156 34.61 -31.95 48.36
CA GLN O 156 36.03 -31.96 48.72
C GLN O 156 36.21 -32.73 50.02
N GLN O 157 35.20 -32.65 50.88
CA GLN O 157 35.11 -33.44 52.10
C GLN O 157 35.27 -34.93 51.79
N GLY O 158 34.76 -35.36 50.64
CA GLY O 158 34.98 -36.72 50.15
C GLY O 158 33.75 -37.49 49.71
N LEU O 159 32.62 -37.19 50.36
CA LEU O 159 31.36 -37.94 50.16
C LEU O 159 30.98 -38.08 48.69
N GLY O 160 30.40 -39.23 48.34
CA GLY O 160 29.94 -39.51 46.98
C GLY O 160 28.78 -38.63 46.56
N ALA O 161 28.53 -38.57 45.26
CA ALA O 161 27.46 -37.72 44.72
C ALA O 161 26.07 -38.25 45.06
N SER O 162 25.96 -39.57 45.13
CA SER O 162 24.69 -40.23 45.43
C SER O 162 24.17 -39.83 46.82
N HIS O 163 25.08 -39.79 47.79
CA HIS O 163 24.77 -39.37 49.17
C HIS O 163 24.49 -37.87 49.26
N ILE O 164 25.08 -37.10 48.34
CA ILE O 164 24.90 -35.64 48.29
C ILE O 164 23.51 -35.24 47.80
N SER O 165 23.01 -35.96 46.81
CA SER O 165 21.70 -35.67 46.22
C SER O 165 20.52 -36.23 47.04
N LYS O 166 20.82 -37.11 47.99
CA LYS O 166 19.80 -37.70 48.88
C LYS O 166 19.62 -36.89 50.17
N THR O 167 20.72 -36.34 50.69
CA THR O 167 20.69 -35.48 51.87
C THR O 167 19.91 -34.21 51.54
N MET O 168 20.43 -33.44 50.58
CA MET O 168 19.76 -32.25 50.06
C MET O 168 18.77 -32.69 48.98
N ASN O 169 17.63 -32.02 48.90
CA ASN O 169 16.59 -32.44 47.98
C ASN O 169 16.86 -32.02 46.53
N ILE O 170 17.93 -32.56 45.97
CA ILE O 170 18.35 -32.28 44.59
C ILE O 170 18.58 -33.55 43.80
N ALA O 171 18.43 -33.48 42.47
CA ALA O 171 18.70 -34.62 41.60
C ALA O 171 20.19 -34.74 41.31
N ARG O 172 20.69 -35.97 41.28
CA ARG O 172 22.14 -36.23 41.11
C ARG O 172 22.78 -35.66 39.84
N SER O 173 21.96 -35.39 38.83
CA SER O 173 22.39 -34.66 37.65
C SER O 173 23.02 -33.33 38.04
N THR O 174 22.34 -32.63 38.94
CA THR O 174 22.71 -31.25 39.27
C THR O 174 23.98 -31.19 40.09
N VAL O 175 24.26 -32.26 40.83
CA VAL O 175 25.50 -32.35 41.60
C VAL O 175 26.70 -32.25 40.66
N TYR O 176 26.79 -33.17 39.71
CA TYR O 176 27.94 -33.25 38.83
C TYR O 176 28.13 -31.95 38.07
N LYS O 177 27.05 -31.45 37.47
CA LYS O 177 27.09 -30.21 36.71
C LYS O 177 27.66 -29.06 37.55
N VAL O 178 27.18 -28.92 38.78
CA VAL O 178 27.66 -27.87 39.68
C VAL O 178 29.17 -27.99 39.88
N ILE O 179 29.65 -29.20 40.13
CA ILE O 179 31.07 -29.46 40.34
C ILE O 179 31.89 -29.12 39.09
N ASN O 180 31.57 -29.77 37.97
CA ASN O 180 32.31 -29.60 36.72
C ASN O 180 32.30 -28.15 36.23
N GLU O 181 31.34 -27.38 36.71
CA GLU O 181 31.10 -26.03 36.23
C GLU O 181 31.90 -24.99 36.99
N SER O 182 32.43 -25.35 38.16
CA SER O 182 33.05 -24.37 39.05
C SER O 182 34.47 -24.76 39.50
N ASN O 183 35.45 -24.53 38.61
CA ASN O 183 36.86 -24.80 38.91
C ASN O 183 37.83 -23.99 38.04
N ALA P 2 27.26 -14.05 -5.10
CA ALA P 2 26.96 -14.82 -6.35
C ALA P 2 25.57 -14.48 -6.87
N LEU P 3 25.55 -13.93 -8.08
CA LEU P 3 24.35 -13.44 -8.76
C LEU P 3 23.68 -14.47 -9.67
N PHE P 4 22.37 -14.37 -9.76
CA PHE P 4 21.57 -15.27 -10.57
C PHE P 4 20.49 -14.48 -11.26
N GLY P 5 20.05 -14.98 -12.41
CA GLY P 5 18.96 -14.35 -13.14
C GLY P 5 17.75 -15.24 -13.24
N TYR P 6 16.63 -14.65 -13.66
CA TYR P 6 15.42 -15.41 -13.94
C TYR P 6 14.46 -14.64 -14.84
N ALA P 7 14.06 -15.27 -15.93
CA ALA P 7 13.13 -14.65 -16.87
C ALA P 7 12.02 -15.62 -17.22
N ARG P 8 10.87 -15.10 -17.64
CA ARG P 8 9.72 -15.95 -17.87
C ARG P 8 8.83 -15.33 -18.92
N VAL P 9 8.03 -16.17 -19.61
CA VAL P 9 7.14 -15.69 -20.65
C VAL P 9 5.84 -16.49 -20.72
N SER P 10 4.74 -15.82 -21.05
CA SER P 10 3.43 -16.49 -21.10
C SER P 10 2.60 -16.27 -22.38
N THR P 11 3.02 -15.35 -23.24
CA THR P 11 2.28 -15.08 -24.48
C THR P 11 3.19 -14.90 -25.71
N SER P 12 2.57 -14.76 -26.87
CA SER P 12 3.24 -14.59 -28.18
C SER P 12 4.46 -13.70 -28.14
N GLN P 13 4.38 -12.67 -27.28
CA GLN P 13 5.45 -11.72 -27.04
C GLN P 13 6.61 -12.39 -26.26
N GLN P 14 7.22 -13.38 -26.91
CA GLN P 14 8.33 -14.15 -26.33
C GLN P 14 9.64 -13.37 -26.39
N SER P 15 9.58 -12.12 -25.95
CA SER P 15 10.74 -11.25 -25.85
C SER P 15 11.57 -11.69 -24.65
N LEU P 16 11.62 -13.01 -24.45
CA LEU P 16 12.45 -13.67 -23.47
C LEU P 16 13.89 -13.22 -23.60
N ASP P 17 14.25 -12.71 -24.78
CA ASP P 17 15.56 -12.14 -25.02
C ASP P 17 15.79 -10.83 -24.25
N ILE P 18 14.92 -9.85 -24.48
CA ILE P 18 14.98 -8.57 -23.77
C ILE P 18 15.31 -8.81 -22.29
N GLN P 19 14.60 -9.76 -21.68
CA GLN P 19 14.80 -10.13 -20.28
C GLN P 19 16.23 -10.63 -20.01
N VAL P 20 16.70 -11.57 -20.83
CA VAL P 20 18.04 -12.14 -20.67
C VAL P 20 19.14 -11.17 -21.09
N ARG P 21 18.81 -10.22 -21.97
CA ARG P 21 19.71 -9.10 -22.26
C ARG P 21 19.86 -8.24 -21.02
N ALA P 22 18.74 -7.96 -20.36
CA ALA P 22 18.72 -7.15 -19.14
C ALA P 22 19.48 -7.80 -17.99
N LEU P 23 19.33 -9.12 -17.86
CA LEU P 23 20.05 -9.92 -16.88
C LEU P 23 21.56 -10.07 -17.16
N LYS P 24 21.95 -9.99 -18.43
CA LYS P 24 23.35 -9.92 -18.78
C LYS P 24 23.88 -8.49 -18.65
N ASP P 25 23.07 -7.51 -19.02
CA ASP P 25 23.43 -6.08 -18.83
C ASP P 25 23.56 -5.70 -17.36
N ALA P 26 22.96 -6.52 -16.50
CA ALA P 26 22.95 -6.28 -15.07
C ALA P 26 24.16 -6.90 -14.40
N GLY P 27 24.83 -7.80 -15.11
CA GLY P 27 26.08 -8.40 -14.62
C GLY P 27 26.03 -9.86 -14.20
N VAL P 28 24.97 -10.56 -14.57
CA VAL P 28 24.84 -12.01 -14.34
C VAL P 28 25.58 -12.75 -15.48
N LYS P 29 26.30 -13.82 -15.13
CA LYS P 29 26.92 -14.64 -16.16
C LYS P 29 25.87 -15.61 -16.69
N ALA P 30 25.89 -15.88 -18.00
CA ALA P 30 24.89 -16.75 -18.67
C ALA P 30 24.81 -18.12 -18.01
N ASN P 31 25.92 -18.53 -17.41
CA ASN P 31 26.01 -19.66 -16.52
C ASN P 31 24.85 -19.75 -15.53
N ARG P 32 24.41 -18.58 -15.04
CA ARG P 32 23.56 -18.46 -13.86
C ARG P 32 22.16 -17.85 -14.10
N ILE P 33 21.80 -17.68 -15.38
CA ILE P 33 20.49 -17.15 -15.81
C ILE P 33 19.52 -18.27 -16.17
N PHE P 34 18.55 -18.53 -15.31
CA PHE P 34 17.62 -19.64 -15.51
C PHE P 34 16.34 -19.21 -16.22
N THR P 35 15.67 -20.16 -16.87
CA THR P 35 14.59 -19.82 -17.79
C THR P 35 13.40 -20.77 -17.75
N ASP P 36 12.22 -20.19 -17.95
CA ASP P 36 10.96 -20.94 -18.04
C ASP P 36 10.01 -20.34 -19.07
N LYS P 37 9.19 -21.19 -19.69
CA LYS P 37 8.16 -20.72 -20.63
C LYS P 37 6.83 -21.47 -20.47
N ALA P 38 5.88 -20.79 -19.83
CA ALA P 38 4.58 -21.36 -19.48
C ALA P 38 3.72 -21.67 -20.71
N SER P 39 3.59 -22.97 -20.99
CA SER P 39 2.74 -23.46 -22.08
C SER P 39 1.25 -23.20 -21.79
N GLY P 40 0.94 -22.92 -20.52
CA GLY P 40 -0.42 -22.72 -20.07
C GLY P 40 -0.95 -23.95 -19.35
N SER P 41 -0.08 -24.96 -19.21
CA SER P 41 -0.42 -26.20 -18.50
C SER P 41 -0.36 -25.99 -16.99
N SER P 42 -0.95 -26.93 -16.25
CA SER P 42 -1.09 -26.86 -14.78
C SER P 42 -0.03 -26.01 -14.06
N SER P 43 1.20 -26.54 -13.97
CA SER P 43 2.32 -25.83 -13.32
C SER P 43 3.67 -26.46 -13.67
N ASP P 44 4.18 -26.14 -14.86
CA ASP P 44 5.42 -26.74 -15.36
C ASP P 44 6.54 -25.71 -15.44
N ARG P 45 6.97 -25.18 -14.30
CA ARG P 45 8.08 -24.24 -14.29
C ARG P 45 9.36 -24.88 -13.74
N LYS P 46 10.02 -25.66 -14.59
CA LYS P 46 11.20 -26.43 -14.21
C LYS P 46 12.45 -25.59 -13.98
N GLY P 47 12.63 -24.54 -14.78
CA GLY P 47 13.80 -23.66 -14.64
C GLY P 47 13.98 -23.17 -13.21
N LEU P 48 12.89 -22.68 -12.63
CA LEU P 48 12.86 -22.26 -11.23
C LEU P 48 13.14 -23.41 -10.30
N ASP P 49 12.37 -24.49 -10.44
CA ASP P 49 12.57 -25.73 -9.68
C ASP P 49 14.06 -26.01 -9.53
N LEU P 50 14.80 -25.76 -10.61
CA LEU P 50 16.23 -26.04 -10.69
C LEU P 50 17.05 -25.00 -9.96
N LEU P 51 16.76 -23.73 -10.26
CA LEU P 51 17.46 -22.62 -9.60
C LEU P 51 17.42 -22.78 -8.09
N ARG P 52 16.25 -23.06 -7.53
CA ARG P 52 16.10 -23.10 -6.07
C ARG P 52 16.76 -24.31 -5.42
N MET P 53 17.39 -25.13 -6.26
CA MET P 53 18.15 -26.28 -5.80
C MET P 53 19.62 -25.91 -5.73
N LYS P 54 20.03 -24.94 -6.57
CA LYS P 54 21.46 -24.64 -6.78
C LYS P 54 21.97 -23.33 -6.17
N VAL P 55 21.30 -22.82 -5.14
CA VAL P 55 21.70 -21.56 -4.52
C VAL P 55 22.05 -21.73 -3.03
N LYS P 56 23.03 -20.97 -2.56
CA LYS P 56 23.47 -21.03 -1.15
C LYS P 56 23.38 -19.66 -0.51
N GLU P 57 23.41 -19.65 0.83
CA GLU P 57 23.42 -18.41 1.59
C GLU P 57 24.38 -17.41 0.95
N GLY P 58 23.93 -16.18 0.78
CA GLY P 58 24.76 -15.12 0.22
C GLY P 58 24.34 -14.71 -1.17
N ASP P 59 23.81 -15.69 -1.92
CA ASP P 59 23.36 -15.46 -3.28
C ASP P 59 22.17 -14.51 -3.34
N VAL P 60 22.01 -13.89 -4.51
CA VAL P 60 20.92 -12.97 -4.83
C VAL P 60 20.35 -13.41 -6.19
N ILE P 61 19.03 -13.55 -6.29
CA ILE P 61 18.43 -13.80 -7.61
C ILE P 61 17.93 -12.49 -8.19
N LEU P 62 18.30 -12.20 -9.44
CA LEU P 62 17.74 -11.04 -10.12
C LEU P 62 16.50 -11.42 -10.91
N VAL P 63 15.52 -10.51 -11.00
CA VAL P 63 14.38 -10.69 -11.91
C VAL P 63 13.79 -9.33 -12.31
N LYS P 64 13.34 -9.22 -13.56
CA LYS P 64 13.08 -7.91 -14.22
C LYS P 64 11.84 -7.12 -13.78
N LYS P 65 10.74 -7.82 -13.48
CA LYS P 65 9.52 -7.22 -12.95
C LYS P 65 8.88 -8.19 -11.95
N LEU P 66 8.00 -7.72 -11.09
CA LEU P 66 7.35 -8.56 -10.08
C LEU P 66 6.63 -9.75 -10.67
N ASP P 67 5.85 -9.46 -11.69
CA ASP P 67 4.86 -10.39 -12.23
C ASP P 67 5.50 -11.54 -12.98
N ARG P 68 6.72 -11.86 -12.61
CA ARG P 68 7.45 -12.86 -13.33
C ARG P 68 7.61 -14.07 -12.43
N LEU P 69 8.24 -13.82 -11.30
CA LEU P 69 8.40 -14.83 -10.27
C LEU P 69 7.07 -15.43 -9.84
N GLY P 70 6.01 -14.66 -9.95
CA GLY P 70 4.73 -15.12 -9.42
C GLY P 70 3.49 -14.82 -10.22
N ARG P 71 2.66 -15.85 -10.37
CA ARG P 71 1.31 -15.70 -10.88
C ARG P 71 0.47 -14.93 -9.85
N ASP P 72 0.28 -15.52 -8.66
CA ASP P 72 -0.58 -14.92 -7.63
C ASP P 72 0.18 -14.60 -6.34
N THR P 73 -0.38 -13.69 -5.55
CA THR P 73 0.28 -13.08 -4.39
C THR P 73 0.67 -14.07 -3.27
N ALA P 74 -0.10 -15.16 -3.13
CA ALA P 74 0.20 -16.18 -2.12
C ALA P 74 1.46 -16.95 -2.48
N ASP P 75 1.45 -17.57 -3.66
CA ASP P 75 2.64 -18.20 -4.22
C ASP P 75 3.84 -17.25 -4.05
N MET P 76 3.73 -16.07 -4.63
CA MET P 76 4.73 -15.00 -4.50
C MET P 76 5.40 -14.87 -3.13
N ILE P 77 4.58 -14.81 -2.08
CA ILE P 77 5.09 -14.69 -0.72
C ILE P 77 5.76 -15.98 -0.29
N GLN P 78 5.16 -17.11 -0.65
CA GLN P 78 5.77 -18.40 -0.36
C GLN P 78 7.19 -18.48 -0.87
N LEU P 79 7.37 -18.28 -2.18
CA LEU P 79 8.69 -18.35 -2.78
C LEU P 79 9.66 -17.55 -1.95
N ILE P 80 9.29 -16.30 -1.65
CA ILE P 80 10.13 -15.39 -0.87
C ILE P 80 10.45 -15.97 0.49
N LYS P 81 9.43 -16.45 1.18
CA LYS P 81 9.58 -17.06 2.50
C LYS P 81 10.57 -18.24 2.45
N GLU P 82 10.45 -19.11 1.44
CA GLU P 82 11.34 -20.28 1.30
C GLU P 82 12.79 -19.82 1.22
N PHE P 83 13.05 -18.99 0.21
CA PHE P 83 14.33 -18.35 0.01
C PHE P 83 14.82 -17.65 1.27
N ASP P 84 13.92 -16.93 1.93
CA ASP P 84 14.31 -16.12 3.09
C ASP P 84 14.97 -16.93 4.20
N ALA P 85 14.32 -18.01 4.62
CA ALA P 85 14.87 -18.86 5.68
C ALA P 85 16.12 -19.64 5.21
N GLN P 86 16.46 -19.49 3.93
CA GLN P 86 17.57 -20.21 3.31
C GLN P 86 18.79 -19.30 3.02
N GLY P 87 18.68 -18.02 3.37
CA GLY P 87 19.79 -17.07 3.19
C GLY P 87 19.95 -16.45 1.81
N VAL P 88 18.85 -16.27 1.10
CA VAL P 88 18.86 -15.67 -0.22
C VAL P 88 17.74 -14.66 -0.40
N SER P 89 17.98 -13.68 -1.26
CA SER P 89 17.06 -12.56 -1.43
C SER P 89 16.92 -12.21 -2.89
N ILE P 90 15.75 -11.70 -3.26
CA ILE P 90 15.43 -11.36 -4.63
C ILE P 90 15.49 -9.85 -4.87
N ARG P 91 15.86 -9.45 -6.08
CA ARG P 91 16.00 -8.04 -6.43
C ARG P 91 15.29 -7.77 -7.74
N PHE P 92 14.26 -6.93 -7.70
CA PHE P 92 13.46 -6.66 -8.89
C PHE P 92 13.97 -5.41 -9.61
N ILE P 93 14.40 -5.53 -10.85
CA ILE P 93 15.10 -4.42 -11.52
C ILE P 93 14.22 -3.23 -11.86
N ASP P 94 13.38 -3.35 -12.88
CA ASP P 94 12.49 -2.26 -13.27
C ASP P 94 11.81 -1.67 -12.05
N ASP P 95 11.39 -2.55 -11.13
CA ASP P 95 10.66 -2.13 -9.93
C ASP P 95 11.52 -1.40 -8.92
N GLY P 96 12.81 -1.75 -8.89
CA GLY P 96 13.82 -1.10 -8.05
C GLY P 96 13.59 -1.24 -6.56
N ILE P 97 13.38 -2.48 -6.11
CA ILE P 97 13.17 -2.84 -4.69
C ILE P 97 13.66 -4.26 -4.44
N SER P 98 13.93 -4.61 -3.17
CA SER P 98 14.53 -5.92 -2.85
C SER P 98 13.97 -6.60 -1.61
N THR P 99 13.94 -7.94 -1.62
CA THR P 99 13.42 -8.72 -0.48
C THR P 99 14.49 -8.86 0.58
N ASP P 100 15.44 -7.94 0.51
CA ASP P 100 16.59 -7.77 1.36
C ASP P 100 16.24 -7.44 2.82
N SER P 101 15.24 -6.58 3.00
CA SER P 101 14.88 -5.96 4.28
C SER P 101 13.41 -6.17 4.68
N TYR P 102 13.05 -5.64 5.84
CA TYR P 102 11.68 -5.77 6.35
C TYR P 102 10.69 -4.94 5.57
N ILE P 103 10.96 -3.65 5.41
CA ILE P 103 10.15 -2.79 4.56
C ILE P 103 10.13 -3.39 3.17
N GLY P 104 11.28 -3.87 2.72
CA GLY P 104 11.43 -4.48 1.42
C GLY P 104 10.31 -5.44 1.05
N LYS P 105 10.12 -6.45 1.89
CA LYS P 105 9.09 -7.44 1.68
C LYS P 105 7.69 -6.85 1.66
N MET P 106 7.37 -6.05 2.67
CA MET P 106 6.07 -5.33 2.73
C MET P 106 5.71 -4.70 1.36
N VAL P 107 6.56 -3.79 0.90
CA VAL P 107 6.35 -3.12 -0.40
C VAL P 107 6.04 -4.07 -1.54
N VAL P 108 6.86 -5.11 -1.68
CA VAL P 108 6.58 -6.19 -2.63
C VAL P 108 5.13 -6.67 -2.41
N THR P 109 4.82 -7.17 -1.22
CA THR P 109 3.50 -7.69 -0.92
C THR P 109 2.37 -6.78 -1.34
N ILE P 110 2.50 -5.50 -0.98
CA ILE P 110 1.44 -4.54 -1.25
C ILE P 110 1.24 -4.51 -2.73
N LEU P 111 2.35 -4.26 -3.45
CA LEU P 111 2.32 -4.07 -4.88
C LEU P 111 1.61 -5.21 -5.61
N SER P 112 1.97 -6.45 -5.28
CA SER P 112 1.33 -7.60 -5.92
C SER P 112 -0.16 -7.62 -5.62
N ALA P 113 -0.50 -7.33 -4.37
CA ALA P 113 -1.90 -7.29 -3.99
C ALA P 113 -2.70 -6.29 -4.82
N VAL P 114 -2.09 -5.12 -5.06
CA VAL P 114 -2.71 -4.05 -5.84
C VAL P 114 -2.85 -4.52 -7.24
N ALA P 115 -1.82 -5.24 -7.69
CA ALA P 115 -1.74 -5.67 -9.06
C ALA P 115 -2.80 -6.73 -9.32
N GLN P 116 -2.91 -7.67 -8.37
CA GLN P 116 -3.87 -8.77 -8.48
C GLN P 116 -5.31 -8.26 -8.63
N ALA P 117 -5.64 -7.23 -7.85
CA ALA P 117 -6.98 -6.67 -7.90
C ALA P 117 -7.18 -6.13 -9.28
N GLU P 118 -6.27 -5.27 -9.74
CA GLU P 118 -6.35 -4.69 -11.09
C GLU P 118 -6.46 -5.74 -12.19
N ARG P 119 -5.82 -6.89 -11.94
CA ARG P 119 -5.78 -8.06 -12.82
C ARG P 119 -7.12 -8.79 -12.92
N GLN P 120 -7.83 -8.94 -11.78
CA GLN P 120 -9.12 -9.65 -11.71
C GLN P 120 -10.28 -8.82 -12.21
N ARG P 121 -10.03 -7.53 -12.37
CA ARG P 121 -11.02 -6.60 -12.86
C ARG P 121 -10.94 -6.65 -14.37
N ILE P 122 -9.72 -6.71 -14.90
CA ILE P 122 -9.49 -6.82 -16.33
C ILE P 122 -10.04 -8.15 -16.84
N LEU P 123 -10.05 -9.15 -15.98
CA LEU P 123 -10.45 -10.47 -16.39
C LEU P 123 -11.96 -10.50 -16.56
N GLN P 124 -12.66 -9.81 -15.69
CA GLN P 124 -14.11 -9.80 -15.71
C GLN P 124 -14.63 -8.90 -16.82
N ARG P 125 -13.81 -7.94 -17.24
CA ARG P 125 -14.16 -7.07 -18.35
C ARG P 125 -14.00 -7.79 -19.69
N THR P 126 -12.83 -8.40 -19.91
CA THR P 126 -12.58 -9.26 -21.07
C THR P 126 -13.70 -10.28 -21.19
N ASN P 127 -14.09 -10.81 -20.04
CA ASN P 127 -15.10 -11.86 -19.95
C ASN P 127 -16.53 -11.41 -20.28
N GLU P 128 -16.85 -10.15 -19.99
CA GLU P 128 -18.11 -9.56 -20.43
C GLU P 128 -17.98 -9.17 -21.89
N GLY P 129 -16.77 -8.77 -22.28
CA GLY P 129 -16.47 -8.34 -23.65
C GLY P 129 -16.79 -9.38 -24.69
N ARG P 130 -16.35 -10.62 -24.46
CA ARG P 130 -16.64 -11.74 -25.36
C ARG P 130 -18.11 -12.11 -25.36
N GLN P 131 -18.66 -12.27 -24.17
CA GLN P 131 -20.07 -12.56 -23.96
C GLN P 131 -20.94 -11.65 -24.83
N GLU P 132 -20.78 -10.33 -24.65
CA GLU P 132 -21.57 -9.33 -25.37
C GLU P 132 -21.17 -9.14 -26.84
N ALA P 133 -20.19 -9.92 -27.30
CA ALA P 133 -19.82 -9.93 -28.72
C ALA P 133 -20.05 -11.30 -29.36
N MET P 134 -20.85 -12.14 -28.69
CA MET P 134 -21.39 -13.35 -29.29
C MET P 134 -22.86 -13.09 -29.69
N ALA P 135 -23.23 -11.82 -29.67
CA ALA P 135 -24.57 -11.38 -30.01
C ALA P 135 -24.64 -10.80 -31.42
N LYS P 136 -23.53 -10.22 -31.87
CA LYS P 136 -23.46 -9.58 -33.19
C LYS P 136 -22.93 -10.55 -34.23
N GLY P 137 -21.64 -10.45 -34.54
CA GLY P 137 -20.92 -11.57 -35.13
C GLY P 137 -20.73 -12.45 -33.93
N VAL P 138 -19.52 -12.48 -33.38
CA VAL P 138 -18.31 -12.24 -34.14
C VAL P 138 -17.88 -13.70 -34.23
N VAL P 139 -17.18 -14.10 -35.27
CA VAL P 139 -16.90 -15.51 -35.41
C VAL P 139 -15.64 -15.91 -34.66
N PHE P 140 -15.83 -16.75 -33.64
CA PHE P 140 -14.73 -17.24 -32.83
C PHE P 140 -14.14 -18.54 -33.40
N GLY P 141 -12.93 -18.87 -32.95
CA GLY P 141 -12.28 -20.09 -33.38
C GLY P 141 -11.28 -19.84 -34.48
N ARG P 142 -10.48 -20.86 -34.76
CA ARG P 142 -9.51 -20.87 -35.84
C ARG P 142 -10.20 -20.77 -37.18
N LYS P 143 -9.61 -20.04 -38.11
CA LYS P 143 -10.23 -19.86 -39.42
C LYS P 143 -10.20 -21.13 -40.27
N ARG P 144 -11.36 -21.49 -40.83
CA ARG P 144 -11.55 -22.66 -41.69
C ARG P 144 -10.63 -22.69 -42.90
N LYS P 145 -10.07 -23.87 -43.20
CA LYS P 145 -9.14 -24.01 -44.33
C LYS P 145 -9.53 -24.98 -45.44
N ILE P 146 -10.21 -26.06 -45.10
CA ILE P 146 -10.55 -27.10 -46.06
C ILE P 146 -11.71 -26.68 -46.99
N ASP P 147 -11.57 -26.97 -48.28
CA ASP P 147 -12.59 -26.65 -49.29
C ASP P 147 -13.85 -27.51 -49.16
N ARG P 148 -14.81 -27.03 -48.37
CA ARG P 148 -15.99 -27.83 -48.03
C ARG P 148 -16.94 -28.03 -49.20
N ASP P 149 -16.90 -27.11 -50.16
CA ASP P 149 -17.69 -27.19 -51.39
C ASP P 149 -17.08 -28.16 -52.42
N ALA P 150 -16.06 -28.89 -52.00
CA ALA P 150 -15.41 -29.88 -52.85
C ALA P 150 -15.59 -31.26 -52.23
N VAL P 151 -16.09 -31.27 -51.00
CA VAL P 151 -16.33 -32.52 -50.29
C VAL P 151 -17.74 -33.01 -50.60
N LEU P 152 -18.74 -32.16 -50.35
CA LEU P 152 -20.14 -32.48 -50.66
C LEU P 152 -20.28 -32.76 -52.15
N ASN P 153 -19.62 -31.92 -52.94
CA ASN P 153 -19.61 -32.00 -54.40
C ASN P 153 -19.01 -33.29 -54.93
N MET P 154 -18.28 -33.98 -54.06
CA MET P 154 -17.58 -35.22 -54.41
C MET P 154 -18.29 -36.42 -53.82
N TRP P 155 -18.96 -36.22 -52.68
CA TRP P 155 -19.64 -37.29 -51.95
C TRP P 155 -21.00 -37.61 -52.55
N GLN P 156 -21.69 -36.58 -53.03
CA GLN P 156 -22.98 -36.75 -53.71
C GLN P 156 -22.78 -37.39 -55.09
N GLN P 157 -21.52 -37.42 -55.53
CA GLN P 157 -21.14 -38.00 -56.83
C GLN P 157 -20.94 -39.52 -56.74
N GLY P 158 -21.43 -40.11 -55.65
CA GLY P 158 -21.35 -41.55 -55.45
C GLY P 158 -20.08 -42.02 -54.76
N LEU P 159 -19.09 -41.14 -54.63
CA LEU P 159 -17.79 -41.49 -54.08
C LEU P 159 -17.83 -41.81 -52.59
N GLY P 160 -16.83 -42.54 -52.12
CA GLY P 160 -16.76 -43.01 -50.73
C GLY P 160 -15.66 -42.36 -49.92
N ALA P 161 -15.89 -42.23 -48.61
CA ALA P 161 -15.07 -41.39 -47.72
C ALA P 161 -13.55 -41.58 -47.72
N SER P 162 -13.08 -42.81 -47.90
CA SER P 162 -11.63 -43.05 -47.94
C SER P 162 -10.97 -42.42 -49.16
N HIS P 163 -11.60 -42.59 -50.32
CA HIS P 163 -11.18 -41.95 -51.56
C HIS P 163 -11.01 -40.44 -51.36
N ILE P 164 -12.05 -39.81 -50.80
CA ILE P 164 -12.07 -38.37 -50.57
C ILE P 164 -10.94 -37.90 -49.64
N SER P 165 -10.60 -38.73 -48.65
CA SER P 165 -9.49 -38.42 -47.72
C SER P 165 -8.12 -38.58 -48.36
N LYS P 166 -7.99 -39.51 -49.30
CA LYS P 166 -6.73 -39.73 -49.99
C LYS P 166 -6.49 -38.61 -51.00
N THR P 167 -7.51 -38.34 -51.83
CA THR P 167 -7.44 -37.37 -52.93
C THR P 167 -7.09 -35.98 -52.42
N MET P 168 -8.06 -35.31 -51.77
CA MET P 168 -7.77 -34.13 -50.95
C MET P 168 -6.91 -34.66 -49.82
N ASN P 169 -5.87 -33.94 -49.41
CA ASN P 169 -5.02 -34.52 -48.37
C ASN P 169 -5.52 -34.30 -46.96
N ILE P 170 -6.71 -34.80 -46.66
CA ILE P 170 -7.32 -34.52 -45.36
C ILE P 170 -7.54 -35.80 -44.60
N ALA P 171 -8.11 -35.70 -43.39
CA ALA P 171 -8.35 -36.88 -42.55
C ALA P 171 -9.78 -37.42 -42.66
N ARG P 172 -9.93 -38.75 -42.74
CA ARG P 172 -11.25 -39.38 -42.89
C ARG P 172 -12.20 -39.00 -41.77
N SER P 173 -11.61 -38.68 -40.63
CA SER P 173 -12.30 -38.11 -39.49
C SER P 173 -13.20 -36.95 -39.97
N THR P 174 -12.58 -36.10 -40.78
CA THR P 174 -13.11 -34.82 -41.21
C THR P 174 -14.10 -34.97 -42.36
N VAL P 175 -13.79 -35.86 -43.31
CA VAL P 175 -14.69 -36.10 -44.43
C VAL P 175 -16.12 -36.22 -43.90
N TYR P 176 -16.35 -37.16 -42.98
CA TYR P 176 -17.67 -37.36 -42.40
C TYR P 176 -18.17 -36.12 -41.66
N LYS P 177 -17.26 -35.44 -40.95
CA LYS P 177 -17.65 -34.29 -40.13
C LYS P 177 -18.15 -33.11 -40.97
N VAL P 178 -17.51 -32.85 -42.09
CA VAL P 178 -17.99 -31.82 -43.02
C VAL P 178 -19.41 -32.15 -43.47
N ILE P 179 -19.65 -33.41 -43.80
CA ILE P 179 -20.96 -33.87 -44.27
C ILE P 179 -21.98 -33.79 -43.16
N ASN P 180 -21.72 -34.46 -42.04
CA ASN P 180 -22.71 -34.59 -40.97
C ASN P 180 -23.02 -33.27 -40.26
N GLU P 181 -22.33 -32.22 -40.67
CA GLU P 181 -22.49 -30.88 -40.10
C GLU P 181 -22.85 -29.88 -41.20
N SER P 182 -23.52 -30.36 -42.24
CA SER P 182 -23.95 -29.50 -43.34
C SER P 182 -25.30 -29.92 -43.93
N ASN P 183 -26.29 -30.07 -43.05
CA ASN P 183 -27.66 -30.40 -43.45
C ASN P 183 -28.64 -29.25 -43.20
#